data_3F1Z
#
_entry.id   3F1Z
#
_cell.length_a   97.420
_cell.length_b   105.507
_cell.length_c   181.250
_cell.angle_alpha   90.000
_cell.angle_beta   90.000
_cell.angle_gamma   90.000
#
_symmetry.space_group_name_H-M   'P 21 21 21'
#
loop_
_entity.id
_entity.type
_entity.pdbx_description
1 polymer 'putative nucleic acid-binding lipoprotein'
2 non-polymer DI(HYDROXYETHYL)ETHER
3 water water
#
_entity_poly.entity_id   1
_entity_poly.type   'polypeptide(L)'
_entity_poly.pdbx_seq_one_letter_code
;GASKAFYSAGDKLFQPGDDAVAS(MSE)QTYSVAQFLQPFTLNPAKASSDYLGKWVKVRGVIVDIRRKSGIAGSYYFIVT
(MSE)RDEQNKTDKRLTFNFGSHNSADVEALSNGSVATIVGQVHQVQDSTIPTLQNPKVVK
;
_entity_poly.pdbx_strand_id   A,B,C,D,E,F,G,H,I,J
#
loop_
_chem_comp.id
_chem_comp.type
_chem_comp.name
_chem_comp.formula
PEG non-polymer DI(HYDROXYETHYL)ETHER 'C4 H10 O3'
#
# COMPACT_ATOMS: atom_id res chain seq x y z
N GLN A 15 -1.75 34.92 17.17
CA GLN A 15 -3.10 34.52 17.67
C GLN A 15 -3.83 35.72 18.30
N PRO A 16 -5.16 35.84 18.06
CA PRO A 16 -5.87 36.97 18.67
C PRO A 16 -6.14 36.76 20.16
N GLY A 17 -5.91 37.83 20.96
CA GLY A 17 -6.15 37.82 22.41
C GLY A 17 -7.61 38.08 22.76
N ASP A 18 -7.94 38.01 24.04
CA ASP A 18 -9.33 38.13 24.51
C ASP A 18 -10.16 39.31 24.00
N ASP A 19 -9.66 40.53 24.08
CA ASP A 19 -10.46 41.67 23.62
C ASP A 19 -10.64 41.68 22.08
N ALA A 20 -9.65 41.18 21.34
CA ALA A 20 -9.78 41.07 19.88
C ALA A 20 -10.88 40.04 19.54
N VAL A 21 -10.94 38.99 20.35
CA VAL A 21 -11.92 37.91 20.20
C VAL A 21 -13.34 38.41 20.50
N ALA A 22 -13.52 39.12 21.60
CA ALA A 22 -14.84 39.67 21.93
C ALA A 22 -15.31 40.63 20.84
N SER A 23 -14.37 41.27 20.17
CA SER A 23 -14.67 42.21 19.09
C SER A 23 -15.10 41.60 17.74
N MSE A 24 -14.88 40.31 17.52
CA MSE A 24 -15.23 39.62 16.28
C MSE A 24 -16.72 39.21 16.19
O MSE A 24 -17.34 38.88 17.18
CB MSE A 24 -14.38 38.34 16.13
CG MSE A 24 -12.85 38.53 16.13
SE MSE A 24 -11.90 36.82 16.33
CE MSE A 24 -12.33 36.15 14.63
N GLN A 25 -17.26 39.19 14.98
CA GLN A 25 -18.63 38.74 14.72
C GLN A 25 -18.64 37.21 14.86
N THR A 26 -19.70 36.65 15.41
CA THR A 26 -19.85 35.21 15.52
C THR A 26 -20.61 34.66 14.31
N TYR A 27 -20.03 33.70 13.61
CA TYR A 27 -20.70 33.06 12.48
C TYR A 27 -21.42 31.82 12.97
N SER A 28 -22.51 31.47 12.29
CA SER A 28 -23.03 30.14 12.50
C SER A 28 -22.22 29.24 11.53
N VAL A 29 -22.31 27.94 11.70
CA VAL A 29 -21.60 27.07 10.77
C VAL A 29 -22.14 27.28 9.34
N ALA A 30 -23.45 27.43 9.19
CA ALA A 30 -24.05 27.67 7.87
C ALA A 30 -23.48 28.93 7.27
N GLN A 31 -23.37 29.97 8.10
CA GLN A 31 -22.88 31.25 7.56
C GLN A 31 -21.46 31.17 7.06
N PHE A 32 -20.58 30.61 7.85
CA PHE A 32 -19.21 30.51 7.46
C PHE A 32 -19.01 29.59 6.25
N LEU A 33 -19.78 28.52 6.16
CA LEU A 33 -19.64 27.58 5.03
C LEU A 33 -20.34 28.03 3.75
N GLN A 34 -21.20 29.00 3.82
CA GLN A 34 -21.94 29.42 2.62
C GLN A 34 -21.05 29.75 1.41
N PRO A 35 -20.03 30.57 1.59
CA PRO A 35 -19.13 30.89 0.46
C PRO A 35 -18.40 29.67 -0.08
N PHE A 36 -18.02 28.73 0.80
CA PHE A 36 -17.34 27.50 0.37
C PHE A 36 -18.28 26.61 -0.43
N THR A 37 -19.56 26.70 -0.12
CA THR A 37 -20.57 25.92 -0.84
C THR A 37 -20.67 26.45 -2.29
N LEU A 38 -20.53 27.75 -2.46
CA LEU A 38 -20.57 28.38 -3.79
C LEU A 38 -19.27 28.13 -4.64
N ASN A 39 -18.13 28.27 -3.99
CA ASN A 39 -16.85 28.13 -4.65
C ASN A 39 -15.74 28.12 -3.58
N PRO A 40 -15.28 26.93 -3.18
CA PRO A 40 -14.25 26.80 -2.18
C PRO A 40 -12.91 27.35 -2.62
N ALA A 41 -12.59 27.31 -3.90
CA ALA A 41 -11.34 27.86 -4.33
C ALA A 41 -11.36 29.38 -4.01
N LYS A 42 -12.41 30.06 -4.45
CA LYS A 42 -12.62 31.49 -4.17
C LYS A 42 -12.65 31.78 -2.66
N ALA A 43 -13.44 31.03 -1.93
CA ALA A 43 -13.61 31.26 -0.48
C ALA A 43 -12.31 31.05 0.25
N SER A 44 -11.59 30.01 -0.11
CA SER A 44 -10.33 29.71 0.52
C SER A 44 -9.36 30.86 0.28
N SER A 45 -9.40 31.40 -0.91
CA SER A 45 -8.52 32.49 -1.22
C SER A 45 -8.90 33.81 -0.48
N ASP A 46 -10.21 34.10 -0.37
CA ASP A 46 -10.67 35.30 0.30
C ASP A 46 -10.39 35.25 1.79
N TYR A 47 -10.51 34.07 2.39
CA TYR A 47 -10.28 33.87 3.84
C TYR A 47 -8.85 33.52 4.26
N LEU A 48 -7.95 33.29 3.30
CA LEU A 48 -6.59 32.79 3.60
C LEU A 48 -5.86 33.61 4.67
N GLY A 49 -5.49 32.99 5.76
CA GLY A 49 -4.82 33.72 6.84
C GLY A 49 -5.75 34.41 7.84
N LYS A 50 -7.07 34.42 7.61
CA LYS A 50 -7.97 35.14 8.48
C LYS A 50 -8.51 34.27 9.61
N TRP A 51 -8.95 34.93 10.66
CA TRP A 51 -9.47 34.23 11.81
C TRP A 51 -10.97 34.38 11.82
N VAL A 52 -11.69 33.31 12.12
CA VAL A 52 -13.11 33.37 12.22
C VAL A 52 -13.56 32.77 13.55
N LYS A 53 -14.67 33.28 14.08
CA LYS A 53 -15.26 32.83 15.34
C LYS A 53 -16.59 32.16 14.99
N VAL A 54 -16.64 30.84 15.13
CA VAL A 54 -17.82 30.05 14.67
C VAL A 54 -18.47 29.36 15.85
N ARG A 55 -19.81 29.45 15.91
CA ARG A 55 -20.61 28.86 16.98
C ARG A 55 -21.37 27.68 16.41
N GLY A 56 -21.50 26.61 17.19
CA GLY A 56 -22.12 25.36 16.70
C GLY A 56 -22.18 24.27 17.76
N VAL A 57 -22.66 23.10 17.39
CA VAL A 57 -22.76 22.00 18.30
C VAL A 57 -21.67 21.01 17.96
N ILE A 58 -20.88 20.66 18.97
CA ILE A 58 -19.81 19.74 18.83
C ILE A 58 -20.42 18.35 18.70
N VAL A 59 -20.05 17.64 17.65
CA VAL A 59 -20.55 16.29 17.41
C VAL A 59 -19.44 15.22 17.42
N ASP A 60 -18.19 15.63 17.46
CA ASP A 60 -17.13 14.66 17.59
C ASP A 60 -15.87 15.34 18.08
N ILE A 61 -15.17 14.66 18.98
CA ILE A 61 -13.91 15.10 19.54
C ILE A 61 -13.05 13.83 19.51
N ARG A 62 -11.81 13.93 19.04
CA ARG A 62 -11.04 12.74 18.84
C ARG A 62 -9.57 13.05 18.91
N ARG A 63 -8.82 12.24 19.64
CA ARG A 63 -7.40 12.38 19.72
C ARG A 63 -6.83 11.49 18.61
N LYS A 64 -5.82 12.01 17.91
CA LYS A 64 -5.25 11.34 16.78
C LYS A 64 -3.72 11.28 16.80
N SER A 65 -3.18 10.16 16.30
CA SER A 65 -1.76 9.93 16.18
C SER A 65 -1.20 10.84 15.13
N GLY A 66 -0.16 11.56 15.52
CA GLY A 66 0.51 12.44 14.58
C GLY A 66 1.78 11.86 14.02
N ILE A 67 2.34 12.59 13.09
CA ILE A 67 3.60 12.24 12.47
C ILE A 67 4.74 12.83 13.33
N ALA A 68 5.84 12.14 13.36
CA ALA A 68 7.04 12.62 14.09
C ALA A 68 6.79 12.92 15.59
N GLY A 69 6.39 11.86 16.31
CA GLY A 69 6.17 11.86 17.77
C GLY A 69 4.95 12.61 18.29
N SER A 70 4.28 13.34 17.39
CA SER A 70 3.17 14.15 17.81
C SER A 70 1.82 13.43 17.89
N TYR A 71 0.86 14.13 18.50
CA TYR A 71 -0.52 13.76 18.46
C TYR A 71 -1.26 15.08 18.36
N TYR A 72 -2.52 14.99 17.99
CA TYR A 72 -3.32 16.19 17.82
C TYR A 72 -4.78 15.78 18.00
N PHE A 73 -5.72 16.74 17.90
CA PHE A 73 -7.12 16.46 18.09
C PHE A 73 -7.91 17.06 16.97
N ILE A 74 -8.95 16.37 16.51
CA ILE A 74 -9.92 16.91 15.56
C ILE A 74 -11.24 17.10 16.35
N VAL A 75 -11.80 18.30 16.25
CA VAL A 75 -13.10 18.66 16.84
C VAL A 75 -14.02 19.00 15.67
N THR A 76 -15.17 18.33 15.62
CA THR A 76 -16.11 18.48 14.51
C THR A 76 -17.36 19.17 15.05
N MSE A 77 -17.89 20.11 14.27
CA MSE A 77 -18.98 20.96 14.69
C MSE A 77 -20.06 20.98 13.65
O MSE A 77 -19.75 21.07 12.46
CB MSE A 77 -18.42 22.38 14.86
CG MSE A 77 -19.38 23.39 15.40
SE MSE A 77 -18.71 25.22 15.32
CE MSE A 77 -17.80 25.30 17.05
N ARG A 78 -21.33 20.89 14.07
CA ARG A 78 -22.44 21.05 13.12
C ARG A 78 -23.18 22.36 13.39
N ASP A 79 -23.94 22.84 12.42
CA ASP A 79 -24.75 24.03 12.62
C ASP A 79 -25.73 23.85 13.81
N GLU A 80 -25.80 24.85 14.65
CA GLU A 80 -26.68 24.81 15.82
C GLU A 80 -28.15 24.62 15.49
N GLN A 81 -28.61 25.10 14.35
CA GLN A 81 -30.01 24.92 14.00
C GLN A 81 -30.15 24.00 12.78
N ASN A 82 -29.14 23.17 12.49
CA ASN A 82 -29.16 22.29 11.31
C ASN A 82 -29.47 23.08 9.99
N LYS A 83 -28.99 24.31 9.92
CA LYS A 83 -29.29 25.15 8.77
C LYS A 83 -28.42 24.67 7.55
N THR A 84 -27.45 23.79 7.79
CA THR A 84 -26.69 23.08 6.74
C THR A 84 -26.36 21.73 7.35
N ASP A 85 -26.16 20.71 6.51
CA ASP A 85 -25.77 19.39 7.01
C ASP A 85 -24.26 19.19 6.98
N LYS A 86 -23.54 20.18 6.46
CA LYS A 86 -22.11 20.11 6.39
C LYS A 86 -21.49 20.39 7.75
N ARG A 87 -20.40 19.69 8.05
CA ARG A 87 -19.71 19.87 9.31
CA ARG A 87 -19.72 19.89 9.32
C ARG A 87 -18.44 20.69 9.15
N LEU A 88 -18.05 21.37 10.21
CA LEU A 88 -16.82 22.14 10.20
C LEU A 88 -15.88 21.43 11.18
N THR A 89 -14.61 21.27 10.83
CA THR A 89 -13.66 20.63 11.73
C THR A 89 -12.58 21.63 12.10
N PHE A 90 -11.99 21.41 13.27
CA PHE A 90 -10.94 22.22 13.81
C PHE A 90 -9.80 21.29 14.19
N ASN A 91 -8.58 21.72 14.01
CA ASN A 91 -7.42 20.89 14.29
C ASN A 91 -6.65 21.53 15.42
N PHE A 92 -6.69 20.87 16.59
CA PHE A 92 -6.00 21.38 17.78
C PHE A 92 -4.71 20.63 18.02
N GLY A 93 -3.59 21.35 18.07
CA GLY A 93 -2.28 20.77 18.40
C GLY A 93 -2.27 20.29 19.85
N SER A 94 -1.26 19.50 20.18
CA SER A 94 -1.14 18.89 21.49
C SER A 94 -1.02 19.88 22.60
N HIS A 95 -0.50 21.06 22.28
CA HIS A 95 -0.32 22.12 23.27
C HIS A 95 -1.65 22.74 23.70
N ASN A 96 -2.75 22.39 23.05
CA ASN A 96 -4.01 22.98 23.42
C ASN A 96 -4.98 21.90 23.85
N SER A 97 -4.47 20.91 24.58
CA SER A 97 -5.31 19.84 25.02
C SER A 97 -6.27 20.31 26.12
N ALA A 98 -5.90 21.32 26.88
CA ALA A 98 -6.82 21.88 27.89
C ALA A 98 -8.14 22.35 27.24
N ASP A 99 -8.06 23.02 26.11
CA ASP A 99 -9.27 23.51 25.50
C ASP A 99 -10.12 22.33 25.04
N VAL A 100 -9.46 21.34 24.43
CA VAL A 100 -10.14 20.19 23.87
C VAL A 100 -10.85 19.40 24.98
N GLU A 101 -10.19 19.28 26.11
CA GLU A 101 -10.73 18.53 27.24
C GLU A 101 -11.90 19.20 27.96
N ALA A 102 -12.20 20.43 27.59
CA ALA A 102 -13.29 21.17 28.25
C ALA A 102 -14.52 21.19 27.35
N LEU A 103 -14.39 20.72 26.13
CA LEU A 103 -15.54 20.63 25.25
C LEU A 103 -16.32 19.37 25.58
N SER A 104 -17.50 19.26 24.99
CA SER A 104 -18.37 18.11 25.19
C SER A 104 -19.26 17.82 23.95
N ASN A 105 -19.30 16.57 23.50
CA ASN A 105 -20.13 16.19 22.37
C ASN A 105 -21.59 16.47 22.72
N GLY A 106 -22.32 17.13 21.83
CA GLY A 106 -23.69 17.48 22.12
C GLY A 106 -23.85 18.88 22.73
N SER A 107 -22.73 19.55 23.07
CA SER A 107 -22.77 20.89 23.66
C SER A 107 -22.40 21.95 22.64
N VAL A 108 -23.09 23.08 22.76
CA VAL A 108 -22.83 24.20 21.88
C VAL A 108 -21.49 24.79 22.30
N ALA A 109 -20.67 25.19 21.34
CA ALA A 109 -19.41 25.85 21.67
C ALA A 109 -19.13 26.91 20.62
N THR A 110 -18.19 27.79 20.94
CA THR A 110 -17.74 28.84 20.05
C THR A 110 -16.25 28.74 20.04
N ILE A 111 -15.70 28.65 18.84
CA ILE A 111 -14.27 28.46 18.65
C ILE A 111 -13.75 29.41 17.58
N VAL A 112 -12.63 30.06 17.88
CA VAL A 112 -11.93 30.93 16.95
C VAL A 112 -10.88 30.06 16.28
N GLY A 113 -10.72 30.18 14.97
CA GLY A 113 -9.73 29.40 14.26
C GLY A 113 -9.28 30.15 13.06
N GLN A 114 -8.17 29.69 12.44
CA GLN A 114 -7.57 30.35 11.30
C GLN A 114 -7.71 29.54 10.03
N VAL A 115 -8.04 30.22 8.92
CA VAL A 115 -8.17 29.55 7.62
C VAL A 115 -6.83 29.45 6.94
N HIS A 116 -6.43 28.22 6.70
CA HIS A 116 -5.23 27.89 5.94
C HIS A 116 -5.74 27.40 4.61
N GLN A 117 -4.85 27.13 3.69
CA GLN A 117 -5.28 26.73 2.34
C GLN A 117 -6.14 25.45 2.38
N VAL A 118 -7.25 25.46 1.64
CA VAL A 118 -8.15 24.31 1.54
C VAL A 118 -7.88 23.53 0.25
N GLN A 119 -7.29 22.35 0.37
CA GLN A 119 -7.03 21.45 -0.77
C GLN A 119 -7.58 20.07 -0.51
N ASP A 120 -7.94 19.35 -1.56
CA ASP A 120 -8.41 17.98 -1.44
C ASP A 120 -9.61 17.97 -0.53
N SER A 121 -10.38 19.03 -0.65
CA SER A 121 -11.49 19.20 0.22
C SER A 121 -12.27 20.43 -0.23
N THR A 122 -13.52 20.54 0.24
CA THR A 122 -14.38 21.69 -0.06
C THR A 122 -14.68 22.46 1.22
N ILE A 123 -14.36 21.86 2.36
CA ILE A 123 -14.58 22.50 3.66
C ILE A 123 -13.24 22.67 4.35
N PRO A 124 -13.01 23.85 4.90
CA PRO A 124 -11.78 24.05 5.62
C PRO A 124 -11.74 23.37 6.97
N THR A 125 -10.55 22.96 7.37
CA THR A 125 -10.28 22.50 8.73
C THR A 125 -9.56 23.70 9.34
N LEU A 126 -10.22 24.34 10.29
CA LEU A 126 -9.66 25.51 10.95
C LEU A 126 -8.47 25.10 11.83
N GLN A 127 -7.41 25.90 11.76
CA GLN A 127 -6.14 25.66 12.42
C GLN A 127 -5.92 26.62 13.58
N ASN A 128 -4.95 26.29 14.45
CA ASN A 128 -4.58 27.10 15.65
C ASN A 128 -5.76 27.60 16.46
N PRO A 129 -6.71 26.72 16.74
CA PRO A 129 -7.92 27.21 17.32
C PRO A 129 -7.86 27.55 18.76
N LYS A 130 -8.87 28.29 19.19
CA LYS A 130 -8.98 28.73 20.59
C LYS A 130 -10.46 28.66 21.00
N VAL A 131 -10.76 27.88 22.04
CA VAL A 131 -12.12 27.79 22.50
C VAL A 131 -12.47 29.05 23.28
N VAL A 132 -13.51 29.75 22.86
CA VAL A 132 -13.92 31.01 23.48
C VAL A 132 -14.86 30.73 24.62
N LYS A 133 -15.96 30.03 24.32
CA LYS A 133 -16.93 29.57 25.32
C LYS A 133 -17.75 28.36 24.81
N GLN B 15 -0.90 -5.72 38.05
CA GLN B 15 -2.33 -6.14 37.91
C GLN B 15 -2.97 -6.27 39.30
N PRO B 16 -4.32 -6.05 39.43
CA PRO B 16 -4.94 -6.21 40.75
C PRO B 16 -5.36 -7.66 41.08
N GLY B 17 -5.27 -8.02 42.37
CA GLY B 17 -5.59 -9.37 42.87
C GLY B 17 -7.07 -9.58 43.19
N ASP B 18 -7.42 -10.83 43.53
CA ASP B 18 -8.81 -11.23 43.84
C ASP B 18 -9.48 -10.33 44.90
N ASP B 19 -8.71 -9.96 45.93
CA ASP B 19 -9.23 -9.13 47.04
C ASP B 19 -9.72 -7.80 46.51
N ALA B 20 -8.79 -7.06 45.91
CA ALA B 20 -9.07 -5.72 45.37
C ALA B 20 -10.15 -5.77 44.28
N VAL B 21 -10.11 -6.81 43.43
CA VAL B 21 -11.11 -6.97 42.38
C VAL B 21 -12.51 -7.08 42.99
N ALA B 22 -12.65 -7.91 44.01
CA ALA B 22 -13.93 -8.14 44.68
C ALA B 22 -14.55 -6.86 45.26
N SER B 23 -13.71 -5.97 45.79
CA SER B 23 -14.21 -4.73 46.40
C SER B 23 -14.36 -3.58 45.38
N MSE B 24 -14.00 -3.87 44.15
CA MSE B 24 -14.06 -2.91 43.08
C MSE B 24 -15.54 -2.85 42.64
O MSE B 24 -16.26 -3.86 42.66
CB MSE B 24 -13.17 -3.51 41.96
CG MSE B 24 -12.25 -2.63 41.28
SE MSE B 24 -10.93 -3.68 40.20
CE MSE B 24 -10.99 -2.28 38.82
N GLN B 25 -16.02 -1.67 42.26
CA GLN B 25 -17.41 -1.51 41.78
C GLN B 25 -17.50 -2.02 40.34
N THR B 26 -18.65 -2.58 39.99
CA THR B 26 -18.89 -3.14 38.68
C THR B 26 -19.62 -2.16 37.83
N TYR B 27 -19.03 -1.76 36.72
CA TYR B 27 -19.67 -0.87 35.79
C TYR B 27 -20.40 -1.69 34.74
N SER B 28 -21.44 -1.11 34.14
CA SER B 28 -22.02 -1.67 32.94
C SER B 28 -21.24 -0.96 31.80
N VAL B 29 -21.45 -1.40 30.57
CA VAL B 29 -20.76 -0.83 29.43
C VAL B 29 -21.24 0.60 29.21
N ALA B 30 -22.54 0.82 29.29
CA ALA B 30 -23.06 2.17 29.07
C ALA B 30 -22.49 3.13 30.09
N GLN B 31 -22.40 2.71 31.35
CA GLN B 31 -21.85 3.56 32.41
C GLN B 31 -20.36 3.84 32.20
N PHE B 32 -19.58 2.86 31.73
CA PHE B 32 -18.14 3.08 31.54
C PHE B 32 -17.86 3.91 30.31
N LEU B 33 -18.73 3.78 29.31
CA LEU B 33 -18.54 4.52 28.07
C LEU B 33 -19.11 5.91 28.03
N GLN B 34 -20.01 6.26 28.97
CA GLN B 34 -20.62 7.59 28.98
C GLN B 34 -19.55 8.68 28.88
N PRO B 35 -18.58 8.69 29.77
CA PRO B 35 -17.58 9.75 29.68
C PRO B 35 -16.84 9.81 28.33
N PHE B 36 -16.57 8.66 27.71
CA PHE B 36 -15.92 8.62 26.41
C PHE B 36 -16.85 9.13 25.30
N THR B 37 -18.13 8.90 25.47
CA THR B 37 -19.10 9.40 24.55
C THR B 37 -19.12 10.92 24.60
N LEU B 38 -18.92 11.46 25.79
CA LEU B 38 -18.94 12.90 25.98
C LEU B 38 -17.65 13.58 25.46
N ASN B 39 -16.49 13.02 25.83
CA ASN B 39 -15.21 13.58 25.45
C ASN B 39 -14.16 12.52 25.69
N PRO B 40 -13.77 11.78 24.64
CA PRO B 40 -12.80 10.72 24.80
C PRO B 40 -11.41 11.25 25.11
N ALA B 41 -11.13 12.52 24.83
CA ALA B 41 -9.85 13.09 25.19
C ALA B 41 -9.79 13.26 26.71
N LYS B 42 -10.84 13.88 27.29
CA LYS B 42 -10.91 14.04 28.71
C LYS B 42 -10.97 12.71 29.45
N ALA B 43 -11.84 11.82 28.98
CA ALA B 43 -12.04 10.55 29.64
C ALA B 43 -10.76 9.74 29.65
N SER B 44 -10.10 9.71 28.51
CA SER B 44 -8.84 8.97 28.41
C SER B 44 -7.85 9.52 29.40
N SER B 45 -7.82 10.82 29.52
CA SER B 45 -6.91 11.45 30.42
C SER B 45 -7.28 11.20 31.88
N ASP B 46 -8.56 11.28 32.22
CA ASP B 46 -9.02 11.02 33.58
C ASP B 46 -8.80 9.58 34.04
N TYR B 47 -8.95 8.63 33.12
CA TYR B 47 -8.82 7.19 33.41
C TYR B 47 -7.47 6.58 33.13
N LEU B 48 -6.54 7.38 32.62
CA LEU B 48 -5.26 6.82 32.16
C LEU B 48 -4.56 5.96 33.24
N GLY B 49 -4.26 4.71 32.90
CA GLY B 49 -3.59 3.77 33.79
C GLY B 49 -4.47 3.17 34.89
N LYS B 50 -5.72 3.62 35.00
CA LYS B 50 -6.65 3.15 36.01
C LYS B 50 -7.32 1.86 35.58
N TRP B 51 -7.75 1.06 36.55
CA TRP B 51 -8.35 -0.23 36.30
C TRP B 51 -9.84 -0.10 36.52
N VAL B 52 -10.63 -0.84 35.72
CA VAL B 52 -12.08 -0.82 35.80
C VAL B 52 -12.63 -2.23 35.59
N LYS B 53 -13.76 -2.50 36.23
CA LYS B 53 -14.38 -3.79 36.16
C LYS B 53 -15.69 -3.61 35.42
N VAL B 54 -15.78 -4.17 34.24
CA VAL B 54 -16.96 -4.00 33.45
C VAL B 54 -17.70 -5.29 33.19
N ARG B 55 -19.02 -5.23 33.33
CA ARG B 55 -19.87 -6.38 33.08
C ARG B 55 -20.66 -6.18 31.79
N GLY B 56 -20.79 -7.22 30.97
CA GLY B 56 -21.58 -7.11 29.75
C GLY B 56 -21.77 -8.43 29.04
N VAL B 57 -22.28 -8.39 27.80
CA VAL B 57 -22.52 -9.59 27.00
C VAL B 57 -21.48 -9.69 25.91
N ILE B 58 -20.69 -10.77 25.95
CA ILE B 58 -19.64 -10.95 24.98
C ILE B 58 -20.31 -11.17 23.64
N VAL B 59 -19.92 -10.43 22.62
CA VAL B 59 -20.50 -10.55 21.29
C VAL B 59 -19.50 -11.05 20.28
N ASP B 60 -18.21 -11.07 20.62
CA ASP B 60 -17.19 -11.57 19.71
C ASP B 60 -15.87 -11.89 20.44
N ILE B 61 -15.28 -13.02 20.05
CA ILE B 61 -14.02 -13.55 20.55
C ILE B 61 -13.22 -13.95 19.33
N ARG B 62 -11.95 -13.57 19.27
CA ARG B 62 -11.20 -13.75 18.04
C ARG B 62 -9.70 -13.71 18.28
N ARG B 63 -9.03 -14.76 17.81
CA ARG B 63 -7.57 -14.83 17.89
C ARG B 63 -7.06 -14.08 16.67
N LYS B 64 -6.03 -13.25 16.88
CA LYS B 64 -5.48 -12.36 15.85
C LYS B 64 -3.95 -12.51 15.76
N SER B 65 -3.42 -12.38 14.54
CA SER B 65 -1.97 -12.43 14.31
C SER B 65 -1.33 -11.18 14.83
N GLY B 66 -0.20 -11.34 15.52
CA GLY B 66 0.48 -10.19 16.11
C GLY B 66 1.74 -9.86 15.36
N ILE B 67 2.35 -8.76 15.76
CA ILE B 67 3.61 -8.36 15.18
C ILE B 67 4.71 -9.15 15.88
N ALA B 68 5.85 -9.30 15.22
CA ALA B 68 7.02 -9.95 15.83
C ALA B 68 6.73 -11.27 16.57
N GLY B 69 6.26 -12.27 15.79
CA GLY B 69 6.06 -13.66 16.22
C GLY B 69 4.93 -13.94 17.19
N SER B 70 4.18 -12.92 17.58
CA SER B 70 3.16 -13.05 18.58
C SER B 70 1.74 -13.21 18.04
N TYR B 71 0.82 -13.57 18.91
CA TYR B 71 -0.62 -13.57 18.61
C TYR B 71 -1.31 -12.99 19.84
N TYR B 72 -2.53 -12.52 19.67
CA TYR B 72 -3.29 -11.98 20.80
C TYR B 72 -4.76 -12.22 20.51
N PHE B 73 -5.63 -11.77 21.40
CA PHE B 73 -7.07 -11.97 21.26
C PHE B 73 -7.83 -10.66 21.53
N ILE B 74 -8.88 -10.42 20.73
CA ILE B 74 -9.80 -9.31 20.92
C ILE B 74 -11.12 -9.90 21.34
N VAL B 75 -11.69 -9.32 22.38
CA VAL B 75 -12.98 -9.74 22.94
C VAL B 75 -13.83 -8.49 23.04
N THR B 76 -15.01 -8.55 22.43
CA THR B 76 -15.90 -7.42 22.31
C THR B 76 -17.12 -7.68 23.15
N MSE B 77 -17.58 -6.63 23.83
CA MSE B 77 -18.66 -6.72 24.79
C MSE B 77 -19.68 -5.62 24.59
O MSE B 77 -19.30 -4.48 24.40
CB MSE B 77 -18.02 -6.60 26.17
CG MSE B 77 -18.97 -6.31 27.31
SE MSE B 77 -18.10 -6.06 29.03
CE MSE B 77 -17.21 -7.76 29.20
N ARG B 78 -20.98 -5.95 24.64
CA ARG B 78 -22.03 -4.95 24.55
C ARG B 78 -22.68 -4.75 25.89
N ASP B 79 -23.45 -3.67 25.99
CA ASP B 79 -24.16 -3.37 27.20
C ASP B 79 -25.22 -4.42 27.40
N GLU B 80 -25.27 -4.97 28.62
CA GLU B 80 -26.18 -6.04 28.97
C GLU B 80 -27.64 -5.62 28.67
N GLN B 81 -27.96 -4.35 28.83
CA GLN B 81 -29.30 -3.90 28.55
C GLN B 81 -29.47 -3.16 27.22
N ASN B 82 -28.46 -3.19 26.35
CA ASN B 82 -28.52 -2.43 25.10
C ASN B 82 -28.73 -0.93 25.35
N LYS B 83 -28.24 -0.44 26.49
CA LYS B 83 -28.45 0.95 26.91
C LYS B 83 -27.59 1.87 26.04
N THR B 84 -26.52 1.34 25.45
CA THR B 84 -25.68 2.07 24.48
C THR B 84 -25.47 1.10 23.33
N ASP B 85 -25.24 1.58 22.12
CA ASP B 85 -24.98 0.64 21.01
C ASP B 85 -23.46 0.48 20.75
N LYS B 86 -22.66 1.22 21.50
CA LYS B 86 -21.22 1.17 21.40
C LYS B 86 -20.70 -0.07 22.11
N ARG B 87 -19.71 -0.70 21.49
CA ARG B 87 -19.09 -1.90 22.01
CA ARG B 87 -19.10 -1.91 22.01
C ARG B 87 -17.75 -1.61 22.68
N LEU B 88 -17.46 -2.31 23.76
CA LEU B 88 -16.21 -2.19 24.52
C LEU B 88 -15.33 -3.34 24.11
N THR B 89 -14.06 -3.11 23.84
CA THR B 89 -13.22 -4.23 23.45
C THR B 89 -12.10 -4.39 24.47
N PHE B 90 -11.56 -5.60 24.52
CA PHE B 90 -10.47 -5.97 25.42
C PHE B 90 -9.40 -6.68 24.59
N ASN B 91 -8.15 -6.37 24.89
CA ASN B 91 -7.03 -6.99 24.23
C ASN B 91 -6.31 -7.93 25.19
N PHE B 92 -6.40 -9.24 24.96
CA PHE B 92 -5.72 -10.25 25.79
C PHE B 92 -4.46 -10.76 25.09
N GLY B 93 -3.33 -10.73 25.79
CA GLY B 93 -2.11 -11.30 25.30
C GLY B 93 -2.19 -12.84 25.26
N SER B 94 -1.22 -13.44 24.58
CA SER B 94 -1.18 -14.86 24.43
C SER B 94 -1.05 -15.58 25.78
N HIS B 95 -0.45 -14.90 26.75
CA HIS B 95 -0.24 -15.47 28.09
C HIS B 95 -1.55 -15.67 28.88
N ASN B 96 -2.65 -15.09 28.42
CA ASN B 96 -3.91 -15.21 29.13
C ASN B 96 -4.97 -15.82 28.22
N SER B 97 -4.58 -16.82 27.45
CA SER B 97 -5.52 -17.49 26.57
C SER B 97 -6.48 -18.39 27.33
N ALA B 98 -6.05 -18.89 28.49
CA ALA B 98 -6.95 -19.67 29.34
C ALA B 98 -8.23 -18.84 29.60
N ASP B 99 -8.09 -17.57 30.00
CA ASP B 99 -9.28 -16.74 30.26
C ASP B 99 -10.15 -16.59 29.01
N VAL B 100 -9.55 -16.33 27.87
CA VAL B 100 -10.28 -16.15 26.62
C VAL B 100 -11.04 -17.42 26.25
N GLU B 101 -10.41 -18.56 26.40
CA GLU B 101 -11.06 -19.82 26.04
C GLU B 101 -12.27 -20.20 26.91
N ALA B 102 -12.43 -19.58 28.07
CA ALA B 102 -13.52 -19.93 28.94
C ALA B 102 -14.73 -19.03 28.71
N LEU B 103 -14.55 -17.99 27.90
CA LEU B 103 -15.58 -17.06 27.54
C LEU B 103 -16.47 -17.63 26.45
N SER B 104 -17.62 -16.97 26.19
CA SER B 104 -18.55 -17.49 25.19
C SER B 104 -19.41 -16.42 24.51
N ASN B 105 -19.44 -16.43 23.19
CA ASN B 105 -20.30 -15.48 22.48
C ASN B 105 -21.75 -15.59 22.90
N GLY B 106 -22.32 -14.45 23.26
CA GLY B 106 -23.67 -14.35 23.74
C GLY B 106 -23.76 -14.46 25.26
N SER B 107 -22.71 -14.89 25.94
CA SER B 107 -22.77 -15.05 27.37
C SER B 107 -22.25 -13.85 28.14
N VAL B 108 -22.82 -13.64 29.32
CA VAL B 108 -22.49 -12.55 30.20
C VAL B 108 -21.13 -12.81 30.84
N ALA B 109 -20.36 -11.74 30.99
CA ALA B 109 -19.07 -11.86 31.61
C ALA B 109 -18.71 -10.53 32.28
N THR B 110 -17.85 -10.62 33.30
CA THR B 110 -17.30 -9.49 34.01
C THR B 110 -15.79 -9.57 33.82
N ILE B 111 -15.19 -8.49 33.33
CA ILE B 111 -13.75 -8.45 33.05
C ILE B 111 -13.14 -7.15 33.62
N VAL B 112 -11.99 -7.28 34.29
CA VAL B 112 -11.22 -6.16 34.80
C VAL B 112 -10.17 -5.84 33.74
N GLY B 113 -9.95 -4.57 33.47
CA GLY B 113 -8.99 -4.16 32.44
C GLY B 113 -8.43 -2.79 32.74
N GLN B 114 -7.31 -2.45 32.10
CA GLN B 114 -6.66 -1.18 32.34
C GLN B 114 -6.82 -0.25 31.14
N VAL B 115 -7.12 1.03 31.41
CA VAL B 115 -7.27 2.00 30.35
C VAL B 115 -5.91 2.53 29.97
N HIS B 116 -5.54 2.37 28.71
CA HIS B 116 -4.32 2.97 28.17
C HIS B 116 -4.80 4.11 27.28
N GLN B 117 -3.85 4.91 26.78
CA GLN B 117 -4.18 6.09 26.01
C GLN B 117 -5.07 5.75 24.83
N VAL B 118 -6.17 6.47 24.69
CA VAL B 118 -7.08 6.24 23.58
C VAL B 118 -6.73 7.23 22.46
N GLN B 119 -6.32 6.71 21.30
CA GLN B 119 -5.99 7.50 20.12
C GLN B 119 -6.57 6.86 18.89
N ASP B 120 -6.83 7.69 17.88
CA ASP B 120 -7.39 7.21 16.61
C ASP B 120 -8.65 6.40 16.82
N SER B 121 -9.35 6.72 17.89
CA SER B 121 -10.60 6.06 18.26
CA SER B 121 -10.60 6.07 18.25
C SER B 121 -11.24 6.87 19.37
N THR B 122 -12.48 6.55 19.67
CA THR B 122 -13.22 7.22 20.70
C THR B 122 -13.54 6.27 21.83
N ILE B 123 -13.37 4.98 21.64
CA ILE B 123 -13.71 3.95 22.63
C ILE B 123 -12.44 3.23 23.05
N PRO B 124 -12.20 3.12 24.33
CA PRO B 124 -10.98 2.45 24.71
C PRO B 124 -11.02 0.95 24.48
N THR B 125 -9.85 0.38 24.17
CA THR B 125 -9.68 -1.06 24.10
C THR B 125 -8.91 -1.31 25.40
N LEU B 126 -9.56 -1.91 26.39
CA LEU B 126 -8.91 -2.13 27.67
C LEU B 126 -7.76 -3.13 27.56
N GLN B 127 -6.67 -2.89 28.29
CA GLN B 127 -5.47 -3.75 28.23
C GLN B 127 -5.21 -4.63 29.49
N ASN B 128 -4.26 -5.58 29.39
CA ASN B 128 -3.91 -6.47 30.50
CA ASN B 128 -3.91 -6.53 30.46
C ASN B 128 -5.15 -6.94 31.27
N PRO B 129 -6.14 -7.52 30.58
CA PRO B 129 -7.39 -7.85 31.24
C PRO B 129 -7.45 -9.18 31.95
N LYS B 130 -8.36 -9.26 32.90
CA LYS B 130 -8.54 -10.48 33.68
C LYS B 130 -10.04 -10.74 33.83
N VAL B 131 -10.45 -11.95 33.49
CA VAL B 131 -11.84 -12.35 33.62
C VAL B 131 -12.10 -12.66 35.09
N VAL B 132 -13.13 -12.02 35.64
CA VAL B 132 -13.51 -12.25 37.02
C VAL B 132 -14.45 -13.43 37.00
N LYS B 133 -13.92 -14.59 37.38
CA LYS B 133 -14.66 -15.86 37.41
C LYS B 133 -15.10 -16.14 38.85
N GLN C 15 -1.71 -37.49 7.63
CA GLN C 15 -2.84 -37.73 6.67
C GLN C 15 -3.38 -39.14 6.94
N PRO C 16 -4.72 -39.31 7.16
CA PRO C 16 -5.32 -40.63 7.34
C PRO C 16 -5.78 -41.34 6.04
N GLY C 17 -5.64 -42.67 6.04
CA GLY C 17 -5.98 -43.53 4.91
C GLY C 17 -7.47 -43.69 4.68
N ASP C 18 -7.84 -44.21 3.51
CA ASP C 18 -9.25 -44.37 3.13
C ASP C 18 -10.09 -45.22 4.08
N ASP C 19 -9.50 -46.23 4.74
CA ASP C 19 -10.23 -47.02 5.75
C ASP C 19 -10.59 -46.13 6.93
N ALA C 20 -9.60 -45.47 7.52
CA ALA C 20 -9.85 -44.58 8.66
C ALA C 20 -10.91 -43.53 8.33
N VAL C 21 -10.91 -43.02 7.10
CA VAL C 21 -11.87 -42.01 6.66
C VAL C 21 -13.28 -42.58 6.53
N ALA C 22 -13.39 -43.72 5.85
CA ALA C 22 -14.69 -44.36 5.67
C ALA C 22 -15.39 -44.59 7.02
N SER C 23 -14.61 -44.95 8.04
CA SER C 23 -15.12 -45.18 9.37
C SER C 23 -15.09 -43.95 10.25
N MSE C 24 -15.30 -42.76 9.70
CA MSE C 24 -15.41 -41.56 10.56
C MSE C 24 -16.89 -41.13 10.62
O MSE C 24 -17.71 -41.52 9.78
CB MSE C 24 -14.55 -40.39 10.07
CG MSE C 24 -13.04 -40.48 10.33
SE MSE C 24 -12.01 -39.07 9.41
CE MSE C 24 -12.77 -37.52 10.16
N GLN C 25 -17.22 -40.36 11.66
CA GLN C 25 -18.57 -39.82 11.81
C GLN C 25 -18.63 -38.67 10.84
N THR C 26 -19.75 -38.53 10.12
CA THR C 26 -19.96 -37.40 9.25
C THR C 26 -20.61 -36.30 10.07
N TYR C 27 -20.02 -35.10 10.02
CA TYR C 27 -20.60 -33.91 10.63
C TYR C 27 -21.40 -33.15 9.56
N SER C 28 -22.46 -32.45 9.96
CA SER C 28 -23.09 -31.49 9.05
C SER C 28 -22.28 -30.20 9.30
N VAL C 29 -22.38 -29.23 8.41
CA VAL C 29 -21.68 -27.98 8.60
C VAL C 29 -22.13 -27.25 9.89
N ALA C 30 -23.43 -27.14 10.13
CA ALA C 30 -23.90 -26.52 11.37
C ALA C 30 -23.27 -27.22 12.61
N GLN C 31 -23.28 -28.54 12.61
CA GLN C 31 -22.68 -29.29 13.73
C GLN C 31 -21.24 -28.96 13.98
N PHE C 32 -20.45 -28.86 12.92
CA PHE C 32 -19.02 -28.62 13.06
C PHE C 32 -18.68 -27.20 13.44
N LEU C 33 -19.40 -26.24 12.86
CA LEU C 33 -19.18 -24.85 13.14
C LEU C 33 -19.74 -24.38 14.48
N GLN C 34 -20.72 -25.05 15.05
CA GLN C 34 -21.32 -24.54 16.32
C GLN C 34 -20.24 -24.15 17.36
N PRO C 35 -19.32 -25.04 17.73
CA PRO C 35 -18.28 -24.62 18.72
C PRO C 35 -17.46 -23.38 18.33
N PHE C 36 -17.21 -23.17 17.04
CA PHE C 36 -16.53 -21.96 16.58
C PHE C 36 -17.40 -20.73 16.68
N THR C 37 -18.71 -20.92 16.60
CA THR C 37 -19.65 -19.84 16.78
C THR C 37 -19.68 -19.40 18.26
N LEU C 38 -19.52 -20.35 19.19
CA LEU C 38 -19.47 -20.04 20.63
C LEU C 38 -18.16 -19.35 21.05
N ASN C 39 -17.02 -19.96 20.72
CA ASN C 39 -15.70 -19.43 21.05
C ASN C 39 -14.67 -19.98 20.07
N PRO C 40 -14.36 -19.23 19.01
CA PRO C 40 -13.42 -19.77 18.03
C PRO C 40 -12.03 -20.03 18.56
N ALA C 41 -11.64 -19.34 19.62
CA ALA C 41 -10.35 -19.60 20.24
C ALA C 41 -10.32 -20.99 20.86
N LYS C 42 -11.39 -21.34 21.59
CA LYS C 42 -11.46 -22.60 22.30
C LYS C 42 -11.61 -23.73 21.32
N ALA C 43 -12.52 -23.56 20.36
CA ALA C 43 -12.73 -24.56 19.34
C ALA C 43 -11.46 -24.84 18.54
N SER C 44 -10.73 -23.79 18.20
CA SER C 44 -9.51 -23.92 17.40
C SER C 44 -8.52 -24.80 18.17
N SER C 45 -8.37 -24.46 19.44
CA SER C 45 -7.51 -25.22 20.33
C SER C 45 -8.00 -26.70 20.53
N ASP C 46 -9.29 -26.91 20.81
CA ASP C 46 -9.83 -28.27 20.97
C ASP C 46 -9.68 -29.12 19.69
N TYR C 47 -9.76 -28.50 18.52
CA TYR C 47 -9.69 -29.23 17.28
C TYR C 47 -8.34 -29.21 16.59
N LEU C 48 -7.39 -28.46 17.13
CA LEU C 48 -6.09 -28.26 16.47
C LEU C 48 -5.46 -29.60 16.08
N GLY C 49 -5.06 -29.75 14.84
CA GLY C 49 -4.42 -30.96 14.38
C GLY C 49 -5.34 -32.14 14.06
N LYS C 50 -6.61 -32.08 14.47
CA LYS C 50 -7.55 -33.18 14.24
C LYS C 50 -8.25 -33.14 12.88
N TRP C 51 -8.71 -34.30 12.43
CA TRP C 51 -9.40 -34.43 11.14
C TRP C 51 -10.91 -34.50 11.34
N VAL C 52 -11.65 -33.86 10.45
CA VAL C 52 -13.11 -33.92 10.53
C VAL C 52 -13.69 -34.23 9.16
N LYS C 53 -14.76 -35.00 9.11
CA LYS C 53 -15.44 -35.33 7.86
C LYS C 53 -16.77 -34.57 7.89
N VAL C 54 -16.96 -33.69 6.92
CA VAL C 54 -18.12 -32.83 6.90
C VAL C 54 -18.86 -32.99 5.58
N ARG C 55 -20.19 -33.02 5.68
CA ARG C 55 -21.08 -33.16 4.55
C ARG C 55 -21.85 -31.86 4.33
N GLY C 56 -22.06 -31.51 3.07
CA GLY C 56 -22.76 -30.26 2.71
C GLY C 56 -22.87 -30.01 1.23
N VAL C 57 -23.54 -28.92 0.86
CA VAL C 57 -23.71 -28.56 -0.55
C VAL C 57 -22.59 -27.61 -0.92
N ILE C 58 -21.94 -27.93 -2.02
CA ILE C 58 -20.88 -27.12 -2.52
C ILE C 58 -21.52 -25.93 -3.21
N VAL C 59 -21.13 -24.73 -2.77
CA VAL C 59 -21.64 -23.48 -3.32
C VAL C 59 -20.57 -22.71 -4.11
N ASP C 60 -19.29 -23.02 -3.91
CA ASP C 60 -18.25 -22.36 -4.70
C ASP C 60 -16.97 -23.20 -4.85
N ILE C 61 -16.46 -23.26 -6.08
CA ILE C 61 -15.21 -23.95 -6.38
C ILE C 61 -14.39 -22.92 -7.13
N ARG C 62 -13.12 -22.80 -6.81
CA ARG C 62 -12.35 -21.71 -7.37
C ARG C 62 -10.86 -21.97 -7.28
N ARG C 63 -10.18 -21.68 -8.39
CA ARG C 63 -8.75 -21.79 -8.45
C ARG C 63 -8.15 -20.43 -8.08
N LYS C 64 -7.13 -20.43 -7.23
CA LYS C 64 -6.55 -19.19 -6.73
C LYS C 64 -5.03 -19.17 -6.97
N SER C 65 -4.48 -18.00 -7.32
CA SER C 65 -3.03 -17.81 -7.47
C SER C 65 -2.36 -17.90 -6.12
N GLY C 66 -1.23 -18.61 -6.10
CA GLY C 66 -0.45 -18.81 -4.89
C GLY C 66 0.83 -18.03 -4.91
N ILE C 67 1.50 -18.05 -3.76
CA ILE C 67 2.78 -17.38 -3.63
C ILE C 67 3.84 -18.36 -4.11
N ALA C 68 4.96 -17.83 -4.55
CA ALA C 68 6.10 -18.64 -4.97
C ALA C 68 5.75 -19.68 -6.07
N GLY C 69 5.18 -19.19 -7.18
CA GLY C 69 4.89 -20.01 -8.38
C GLY C 69 3.76 -21.05 -8.27
N SER C 70 3.14 -21.15 -7.11
CA SER C 70 2.13 -22.16 -6.87
C SER C 70 0.70 -21.69 -7.19
N TYR C 71 -0.25 -22.61 -7.07
CA TYR C 71 -1.65 -22.30 -7.19
C TYR C 71 -2.43 -23.25 -6.28
N TYR C 72 -3.65 -22.89 -5.90
CA TYR C 72 -4.43 -23.73 -5.02
C TYR C 72 -5.93 -23.55 -5.24
N PHE C 73 -6.74 -24.35 -4.58
CA PHE C 73 -8.19 -24.22 -4.72
C PHE C 73 -8.87 -24.00 -3.39
N ILE C 74 -9.99 -23.29 -3.44
CA ILE C 74 -10.84 -23.04 -2.31
C ILE C 74 -12.22 -23.60 -2.70
N VAL C 75 -12.71 -24.53 -1.88
CA VAL C 75 -14.01 -25.12 -2.06
C VAL C 75 -14.81 -24.68 -0.86
N THR C 76 -16.00 -24.11 -1.11
CA THR C 76 -16.90 -23.60 -0.06
C THR C 76 -18.19 -24.43 -0.02
N MSE C 77 -18.62 -24.76 1.20
CA MSE C 77 -19.74 -25.67 1.49
C MSE C 77 -20.72 -25.05 2.46
O MSE C 77 -20.31 -24.45 3.48
CB MSE C 77 -19.14 -26.92 2.17
CG MSE C 77 -20.07 -28.03 2.46
SE MSE C 77 -19.12 -29.40 3.54
CE MSE C 77 -18.22 -30.47 2.13
N ARG C 78 -22.01 -25.16 2.13
CA ARG C 78 -23.06 -24.70 3.02
C ARG C 78 -23.70 -25.89 3.74
N ASP C 79 -24.44 -25.63 4.82
CA ASP C 79 -25.14 -26.67 5.55
C ASP C 79 -26.26 -27.18 4.66
N GLU C 80 -26.30 -28.50 4.52
CA GLU C 80 -27.27 -29.17 3.69
C GLU C 80 -28.73 -28.73 3.94
N GLN C 81 -29.08 -28.44 5.18
CA GLN C 81 -30.44 -28.03 5.52
C GLN C 81 -30.49 -26.59 6.04
N ASN C 82 -29.49 -25.79 5.65
CA ASN C 82 -29.38 -24.39 6.06
C ASN C 82 -29.56 -24.11 7.57
N LYS C 83 -29.13 -25.05 8.42
CA LYS C 83 -29.30 -24.85 9.86
C LYS C 83 -28.35 -23.71 10.32
N THR C 84 -27.32 -23.40 9.54
CA THR C 84 -26.46 -22.23 9.76
C THR C 84 -26.31 -21.49 8.42
N ASP C 85 -26.05 -20.21 8.49
CA ASP C 85 -25.82 -19.37 7.30
C ASP C 85 -24.32 -19.32 6.98
N LYS C 86 -23.50 -19.78 7.92
CA LYS C 86 -22.07 -19.77 7.74
C LYS C 86 -21.58 -20.87 6.80
N ARG C 87 -20.51 -20.58 6.08
CA ARG C 87 -19.96 -21.52 5.14
C ARG C 87 -18.63 -22.03 5.66
N LEU C 88 -18.36 -23.28 5.33
CA LEU C 88 -17.09 -23.91 5.66
C LEU C 88 -16.28 -23.93 4.36
N THR C 89 -15.01 -23.55 4.44
CA THR C 89 -14.13 -23.58 3.31
C THR C 89 -13.04 -24.63 3.50
N PHE C 90 -12.55 -25.15 2.40
CA PHE C 90 -11.48 -26.13 2.37
C PHE C 90 -10.44 -25.63 1.38
N ASN C 91 -9.17 -25.80 1.70
CA ASN C 91 -8.10 -25.35 0.84
C ASN C 91 -7.34 -26.54 0.28
N PHE C 92 -7.50 -26.82 -1.01
CA PHE C 92 -6.81 -27.95 -1.63
C PHE C 92 -5.57 -27.47 -2.34
N GLY C 93 -4.46 -28.15 -2.15
CA GLY C 93 -3.23 -27.81 -2.85
C GLY C 93 -3.34 -28.26 -4.31
N SER C 94 -2.36 -27.85 -5.11
CA SER C 94 -2.35 -28.12 -6.54
C SER C 94 -2.32 -29.60 -6.87
N HIS C 95 -1.70 -30.36 -5.98
CA HIS C 95 -1.59 -31.79 -6.15
C HIS C 95 -2.93 -32.50 -6.05
N ASN C 96 -3.93 -31.86 -5.50
CA ASN C 96 -5.20 -32.55 -5.35
C ASN C 96 -6.23 -31.93 -6.25
N SER C 97 -5.83 -31.63 -7.49
CA SER C 97 -6.75 -31.00 -8.40
C SER C 97 -7.79 -31.94 -8.96
N ALA C 98 -7.48 -33.23 -9.03
CA ALA C 98 -8.44 -34.22 -9.55
C ALA C 98 -9.70 -34.22 -8.70
N ASP C 99 -9.52 -34.23 -7.38
CA ASP C 99 -10.64 -34.17 -6.46
C ASP C 99 -11.47 -32.90 -6.68
N VAL C 100 -10.80 -31.75 -6.83
CA VAL C 100 -11.52 -30.51 -7.01
C VAL C 100 -12.30 -30.51 -8.31
N GLU C 101 -11.71 -31.06 -9.38
CA GLU C 101 -12.37 -31.08 -10.68
C GLU C 101 -13.57 -32.04 -10.77
N ALA C 102 -13.76 -32.90 -9.77
CA ALA C 102 -14.87 -33.85 -9.77
C ALA C 102 -16.05 -33.29 -8.97
N LEU C 103 -15.84 -32.20 -8.23
CA LEU C 103 -16.93 -31.55 -7.48
C LEU C 103 -17.93 -30.83 -8.40
N SER C 104 -19.03 -30.32 -7.84
CA SER C 104 -19.99 -29.63 -8.66
C SER C 104 -20.86 -28.69 -7.81
N ASN C 105 -20.90 -27.38 -8.13
CA ASN C 105 -21.71 -26.42 -7.36
C ASN C 105 -23.16 -26.87 -7.42
N GLY C 106 -23.82 -26.82 -6.26
CA GLY C 106 -25.21 -27.28 -6.15
C GLY C 106 -25.32 -28.75 -5.72
N SER C 107 -24.22 -29.50 -5.75
CA SER C 107 -24.23 -30.89 -5.35
C SER C 107 -23.64 -31.15 -3.98
N VAL C 108 -24.14 -32.19 -3.35
CA VAL C 108 -23.68 -32.62 -2.05
C VAL C 108 -22.33 -33.34 -2.17
N ALA C 109 -21.43 -33.06 -1.24
CA ALA C 109 -20.14 -33.76 -1.17
C ALA C 109 -19.80 -33.93 0.30
N THR C 110 -18.92 -34.90 0.56
CA THR C 110 -18.44 -35.19 1.87
C THR C 110 -16.94 -35.04 1.73
N ILE C 111 -16.37 -34.15 2.52
CA ILE C 111 -14.92 -33.86 2.45
C ILE C 111 -14.33 -33.94 3.85
N VAL C 112 -13.21 -34.65 3.95
CA VAL C 112 -12.43 -34.76 5.18
C VAL C 112 -11.31 -33.72 5.10
N GLY C 113 -11.08 -33.00 6.18
CA GLY C 113 -10.03 -31.96 6.20
C GLY C 113 -9.43 -31.86 7.58
N GLN C 114 -8.30 -31.21 7.71
CA GLN C 114 -7.64 -31.06 9.02
C GLN C 114 -7.74 -29.61 9.46
N VAL C 115 -7.91 -29.44 10.77
CA VAL C 115 -8.02 -28.11 11.36
C VAL C 115 -6.66 -27.61 11.78
N HIS C 116 -6.29 -26.43 11.33
CA HIS C 116 -5.06 -25.78 11.76
C HIS C 116 -5.49 -24.57 12.56
N GLN C 117 -4.54 -23.83 13.07
CA GLN C 117 -4.86 -22.70 13.91
C GLN C 117 -5.71 -21.67 13.16
N VAL C 118 -6.84 -21.29 13.76
CA VAL C 118 -7.70 -20.29 13.17
C VAL C 118 -7.30 -18.93 13.73
N GLN C 119 -6.81 -18.03 12.85
CA GLN C 119 -6.43 -16.65 13.25
C GLN C 119 -6.97 -15.64 12.27
N ASP C 120 -7.22 -14.43 12.75
CA ASP C 120 -7.73 -13.34 11.93
C ASP C 120 -8.99 -13.77 11.24
N SER C 121 -9.79 -14.53 11.96
CA SER C 121 -10.98 -15.15 11.43
C SER C 121 -11.64 -15.94 12.51
N THR C 122 -12.88 -16.34 12.31
CA THR C 122 -13.59 -17.11 13.31
C THR C 122 -14.06 -18.45 12.77
N ILE C 123 -13.82 -18.73 11.51
CA ILE C 123 -14.30 -19.97 10.92
C ILE C 123 -13.07 -20.64 10.33
N PRO C 124 -12.89 -21.94 10.59
CA PRO C 124 -11.67 -22.52 10.03
C PRO C 124 -11.75 -22.79 8.55
N THR C 125 -10.60 -22.77 7.89
CA THR C 125 -10.47 -23.20 6.50
C THR C 125 -9.72 -24.51 6.67
N LEU C 126 -10.39 -25.61 6.34
CA LEU C 126 -9.80 -26.92 6.54
C LEU C 126 -8.65 -27.12 5.56
N GLN C 127 -7.61 -27.83 6.02
CA GLN C 127 -6.42 -28.05 5.18
C GLN C 127 -6.15 -29.52 4.80
N ASN C 128 -5.28 -29.70 3.81
CA ASN C 128 -4.88 -31.02 3.34
CA ASN C 128 -4.89 -31.02 3.28
C ASN C 128 -6.10 -31.93 3.18
N PRO C 129 -7.15 -31.47 2.47
CA PRO C 129 -8.37 -32.27 2.37
C PRO C 129 -8.43 -33.32 1.31
N LYS C 130 -9.47 -34.13 1.37
CA LYS C 130 -9.66 -35.23 0.44
C LYS C 130 -11.17 -35.43 0.29
N VAL C 131 -11.66 -35.49 -0.95
CA VAL C 131 -13.09 -35.71 -1.19
C VAL C 131 -13.43 -37.18 -0.92
N VAL C 132 -14.38 -37.45 -0.04
CA VAL C 132 -14.78 -38.82 0.24
C VAL C 132 -15.81 -39.14 -0.82
N LYS C 133 -15.48 -40.10 -1.67
CA LYS C 133 -16.32 -40.45 -2.82
C LYS C 133 -16.42 -41.96 -2.92
N PRO D 16 -6.00 -19.01 -35.37
CA PRO D 16 -7.10 -19.44 -36.25
C PRO D 16 -7.30 -18.52 -37.49
N GLY D 17 -7.21 -19.06 -38.71
CA GLY D 17 -7.43 -18.27 -39.95
C GLY D 17 -8.90 -17.89 -40.13
N ASP D 18 -9.25 -17.14 -41.17
CA ASP D 18 -10.65 -16.72 -41.39
C ASP D 18 -11.61 -17.89 -41.70
N ASP D 19 -11.13 -18.90 -42.44
CA ASP D 19 -11.92 -20.09 -42.76
C ASP D 19 -12.24 -20.93 -41.53
N ALA D 20 -11.22 -21.27 -40.75
CA ALA D 20 -11.41 -22.06 -39.53
C ALA D 20 -12.35 -21.34 -38.51
N VAL D 21 -12.30 -20.01 -38.46
CA VAL D 21 -13.17 -19.21 -37.58
C VAL D 21 -14.62 -19.26 -38.04
N ALA D 22 -14.82 -19.15 -39.35
CA ALA D 22 -16.16 -19.21 -39.95
C ALA D 22 -16.86 -20.54 -39.63
N SER D 23 -16.10 -21.63 -39.51
CA SER D 23 -16.70 -22.94 -39.26
C SER D 23 -16.88 -23.33 -37.80
N MSE D 24 -16.38 -22.54 -36.86
CA MSE D 24 -16.60 -22.88 -35.44
C MSE D 24 -18.01 -22.49 -35.00
O MSE D 24 -18.65 -21.63 -35.60
CB MSE D 24 -15.48 -22.43 -34.49
CG MSE D 24 -14.79 -21.19 -34.86
SE MSE D 24 -13.29 -20.62 -33.75
CE MSE D 24 -14.06 -20.65 -31.96
N GLN D 25 -18.53 -23.18 -33.99
CA GLN D 25 -19.87 -22.91 -33.49
C GLN D 25 -19.86 -21.59 -32.72
N THR D 26 -21.04 -21.01 -32.62
CA THR D 26 -21.24 -19.74 -31.93
C THR D 26 -21.93 -20.05 -30.64
N TYR D 27 -21.24 -19.83 -29.52
CA TYR D 27 -21.87 -20.08 -28.26
C TYR D 27 -22.63 -18.83 -27.92
N SER D 28 -23.61 -18.96 -27.05
CA SER D 28 -24.18 -17.78 -26.43
C SER D 28 -23.32 -17.63 -25.17
N VAL D 29 -23.47 -16.51 -24.46
CA VAL D 29 -22.73 -16.31 -23.24
C VAL D 29 -23.19 -17.32 -22.19
N ALA D 30 -24.49 -17.61 -22.14
CA ALA D 30 -25.03 -18.55 -21.13
C ALA D 30 -24.48 -19.94 -21.32
N GLN D 31 -24.39 -20.34 -22.59
CA GLN D 31 -23.91 -21.67 -22.94
C GLN D 31 -22.46 -21.81 -22.61
N PHE D 32 -21.66 -20.85 -23.02
CA PHE D 32 -20.24 -20.93 -22.71
C PHE D 32 -19.97 -20.96 -21.21
N LEU D 33 -20.64 -20.12 -20.43
CA LEU D 33 -20.38 -20.08 -18.98
C LEU D 33 -21.06 -21.18 -18.15
N GLN D 34 -21.94 -21.95 -18.78
CA GLN D 34 -22.63 -23.03 -18.08
C GLN D 34 -21.63 -23.97 -17.37
N PRO D 35 -20.65 -24.52 -18.08
CA PRO D 35 -19.72 -25.37 -17.32
C PRO D 35 -18.88 -24.64 -16.25
N PHE D 36 -18.73 -23.33 -16.33
CA PHE D 36 -17.96 -22.63 -15.29
C PHE D 36 -18.80 -22.44 -14.03
N THR D 37 -20.11 -22.36 -14.21
CA THR D 37 -21.03 -22.20 -13.11
C THR D 37 -21.00 -23.48 -12.25
N LEU D 38 -20.89 -24.61 -12.94
CA LEU D 38 -20.83 -25.91 -12.29
C LEU D 38 -19.47 -26.12 -11.62
N ASN D 39 -18.41 -25.92 -12.38
CA ASN D 39 -17.07 -26.10 -11.89
C ASN D 39 -16.02 -25.34 -12.73
N PRO D 40 -15.60 -24.16 -12.23
CA PRO D 40 -14.61 -23.37 -12.97
C PRO D 40 -13.23 -24.04 -13.08
N ALA D 41 -12.82 -24.84 -12.10
CA ALA D 41 -11.54 -25.56 -12.20
C ALA D 41 -11.62 -26.60 -13.33
N LYS D 42 -12.65 -27.44 -13.33
CA LYS D 42 -12.84 -28.42 -14.38
C LYS D 42 -13.02 -27.74 -15.76
N ALA D 43 -13.90 -26.75 -15.83
CA ALA D 43 -14.15 -26.09 -17.12
C ALA D 43 -12.88 -25.43 -17.69
N SER D 44 -12.14 -24.73 -16.83
CA SER D 44 -10.91 -24.05 -17.23
C SER D 44 -9.91 -25.06 -17.81
N SER D 45 -9.77 -26.19 -17.15
CA SER D 45 -8.88 -27.24 -17.62
C SER D 45 -9.35 -27.91 -18.93
N ASP D 46 -10.65 -28.12 -19.09
CA ASP D 46 -11.19 -28.71 -20.33
C ASP D 46 -11.03 -27.74 -21.51
N TYR D 47 -11.06 -26.43 -21.27
CA TYR D 47 -10.94 -25.43 -22.33
C TYR D 47 -9.55 -24.80 -22.48
N LEU D 48 -8.60 -25.19 -21.63
CA LEU D 48 -7.28 -24.57 -21.64
C LEU D 48 -6.66 -24.61 -23.03
N GLY D 49 -6.28 -23.44 -23.52
CA GLY D 49 -5.68 -23.29 -24.84
C GLY D 49 -6.66 -23.35 -26.00
N LYS D 50 -7.95 -23.56 -25.74
CA LYS D 50 -8.88 -23.68 -26.85
C LYS D 50 -9.47 -22.31 -27.19
N TRP D 51 -9.98 -22.22 -28.41
CA TRP D 51 -10.63 -21.02 -28.90
C TRP D 51 -12.13 -21.24 -28.90
N VAL D 52 -12.87 -20.17 -28.65
CA VAL D 52 -14.33 -20.22 -28.69
C VAL D 52 -14.85 -18.95 -29.32
N LYS D 53 -16.03 -19.04 -29.92
CA LYS D 53 -16.67 -17.93 -30.62
C LYS D 53 -17.96 -17.66 -29.89
N VAL D 54 -18.06 -16.51 -29.22
CA VAL D 54 -19.23 -16.20 -28.43
C VAL D 54 -19.89 -14.91 -28.94
N ARG D 55 -21.21 -14.96 -29.13
CA ARG D 55 -21.97 -13.82 -29.60
C ARG D 55 -22.84 -13.31 -28.47
N GLY D 56 -22.79 -12.00 -28.22
CA GLY D 56 -23.56 -11.40 -27.14
C GLY D 56 -23.73 -9.90 -27.31
N VAL D 57 -24.37 -9.26 -26.34
CA VAL D 57 -24.53 -7.81 -26.35
C VAL D 57 -23.36 -7.16 -25.59
N ILE D 58 -22.59 -6.32 -26.28
CA ILE D 58 -21.51 -5.61 -25.64
C ILE D 58 -22.14 -4.65 -24.63
N VAL D 59 -21.64 -4.67 -23.40
CA VAL D 59 -22.18 -3.79 -22.33
C VAL D 59 -21.13 -2.83 -21.75
N ASP D 60 -19.85 -3.07 -22.04
CA ASP D 60 -18.80 -2.15 -21.65
C ASP D 60 -17.57 -2.34 -22.52
N ILE D 61 -16.95 -1.22 -22.86
CA ILE D 61 -15.71 -1.12 -23.64
C ILE D 61 -14.84 -0.10 -22.92
N ARG D 62 -13.60 -0.44 -22.61
CA ARG D 62 -12.69 0.40 -21.82
C ARG D 62 -11.29 0.26 -22.26
N ARG D 63 -10.58 1.38 -22.32
CA ARG D 63 -9.19 1.33 -22.65
C ARG D 63 -8.50 1.42 -21.29
N LYS D 64 -7.48 0.57 -21.08
CA LYS D 64 -6.76 0.52 -19.81
C LYS D 64 -5.26 0.64 -19.95
N SER D 65 -4.65 1.21 -18.93
CA SER D 65 -3.21 1.36 -18.86
C SER D 65 -2.56 0.05 -18.59
N GLY D 66 -1.50 -0.25 -19.35
CA GLY D 66 -0.76 -1.49 -19.16
C GLY D 66 0.58 -1.27 -18.49
N ILE D 67 1.26 -2.38 -18.22
CA ILE D 67 2.59 -2.32 -17.62
C ILE D 67 3.55 -2.20 -18.78
N ALA D 68 4.70 -1.57 -18.54
CA ALA D 68 5.76 -1.46 -19.56
C ALA D 68 5.31 -0.81 -20.91
N GLY D 69 4.96 0.47 -20.85
CA GLY D 69 4.57 1.28 -22.03
C GLY D 69 3.26 0.91 -22.75
N SER D 70 2.67 -0.24 -22.40
CA SER D 70 1.49 -0.70 -23.14
C SER D 70 0.13 -0.19 -22.68
N TYR D 71 -0.87 -0.60 -23.45
CA TYR D 71 -2.26 -0.36 -23.10
C TYR D 71 -3.03 -1.49 -23.71
N TYR D 72 -4.25 -1.68 -23.23
CA TYR D 72 -5.07 -2.77 -23.71
C TYR D 72 -6.53 -2.38 -23.56
N PHE D 73 -7.43 -3.23 -24.04
CA PHE D 73 -8.83 -2.94 -23.88
C PHE D 73 -9.52 -4.09 -23.23
N ILE D 74 -10.55 -3.80 -22.46
CA ILE D 74 -11.41 -4.81 -21.92
C ILE D 74 -12.81 -4.57 -22.44
N VAL D 75 -13.36 -5.61 -23.07
CA VAL D 75 -14.71 -5.59 -23.64
C VAL D 75 -15.51 -6.59 -22.83
N THR D 76 -16.69 -6.17 -22.37
CA THR D 76 -17.56 -6.99 -21.53
C THR D 76 -18.83 -7.28 -22.30
N MSE D 77 -19.33 -8.49 -22.18
CA MSE D 77 -20.45 -8.94 -22.98
C MSE D 77 -21.50 -9.66 -22.11
O MSE D 77 -21.11 -10.42 -21.24
CB MSE D 77 -19.87 -9.89 -24.04
CG MSE D 77 -20.87 -10.82 -24.71
SE MSE D 77 -20.13 -12.06 -26.03
CE MSE D 77 -19.85 -10.81 -27.42
N ARG D 78 -22.80 -9.43 -22.32
CA ARG D 78 -23.85 -10.17 -21.60
C ARG D 78 -24.63 -11.12 -22.53
N ASP D 79 -25.32 -12.08 -21.95
CA ASP D 79 -26.09 -13.02 -22.77
C ASP D 79 -27.15 -12.23 -23.50
N GLU D 80 -27.25 -12.49 -24.80
CA GLU D 80 -28.21 -11.81 -25.65
C GLU D 80 -29.64 -11.87 -25.12
N GLN D 81 -29.97 -12.86 -24.29
CA GLN D 81 -31.34 -13.00 -23.82
C GLN D 81 -31.41 -13.18 -22.31
N ASN D 82 -30.36 -12.76 -21.62
CA ASN D 82 -30.33 -12.82 -20.18
C ASN D 82 -30.57 -14.20 -19.60
N LYS D 83 -30.19 -15.24 -20.34
CA LYS D 83 -30.34 -16.58 -19.82
C LYS D 83 -29.37 -16.71 -18.62
N THR D 84 -28.32 -15.90 -18.61
CA THR D 84 -27.43 -15.84 -17.44
C THR D 84 -27.24 -14.36 -17.18
N ASP D 85 -26.97 -13.98 -15.94
CA ASP D 85 -26.68 -12.58 -15.64
C ASP D 85 -25.15 -12.32 -15.53
N LYS D 86 -24.36 -13.38 -15.62
CA LYS D 86 -22.91 -13.25 -15.54
C LYS D 86 -22.39 -12.71 -16.87
N ARG D 87 -21.31 -11.92 -16.82
CA ARG D 87 -20.73 -11.32 -18.02
C ARG D 87 -19.43 -11.99 -18.41
N LEU D 88 -19.14 -12.02 -19.69
CA LEU D 88 -17.88 -12.55 -20.20
C LEU D 88 -17.00 -11.38 -20.59
N THR D 89 -15.71 -11.39 -20.25
CA THR D 89 -14.85 -10.32 -20.66
C THR D 89 -13.81 -10.82 -21.66
N PHE D 90 -13.36 -9.88 -22.50
CA PHE D 90 -12.34 -10.12 -23.51
C PHE D 90 -11.26 -9.09 -23.29
N ASN D 91 -10.02 -9.50 -23.37
CA ASN D 91 -8.87 -8.65 -23.26
C ASN D 91 -8.20 -8.50 -24.61
N PHE D 92 -8.41 -7.35 -25.24
CA PHE D 92 -7.77 -7.03 -26.51
C PHE D 92 -6.50 -6.23 -26.34
N GLY D 93 -5.44 -6.68 -26.98
CA GLY D 93 -4.17 -5.93 -26.94
C GLY D 93 -4.21 -4.72 -27.86
N SER D 94 -3.20 -3.87 -27.74
CA SER D 94 -3.17 -2.60 -28.48
C SER D 94 -3.19 -2.79 -29.97
N HIS D 95 -2.55 -3.83 -30.46
CA HIS D 95 -2.54 -4.10 -31.91
C HIS D 95 -3.95 -4.33 -32.46
N ASN D 96 -4.89 -4.71 -31.61
CA ASN D 96 -6.20 -4.96 -32.14
C ASN D 96 -7.17 -3.87 -31.74
N SER D 97 -6.76 -2.62 -31.87
CA SER D 97 -7.64 -1.55 -31.49
C SER D 97 -8.70 -1.20 -32.55
N ALA D 98 -8.47 -1.54 -33.81
CA ALA D 98 -9.48 -1.31 -34.86
C ALA D 98 -10.76 -2.16 -34.59
N ASP D 99 -10.59 -3.38 -34.10
CA ASP D 99 -11.77 -4.18 -33.74
C ASP D 99 -12.53 -3.57 -32.57
N VAL D 100 -11.81 -3.06 -31.58
CA VAL D 100 -12.47 -2.51 -30.42
C VAL D 100 -13.20 -1.26 -30.79
N GLU D 101 -12.54 -0.45 -31.60
CA GLU D 101 -13.11 0.85 -32.02
C GLU D 101 -14.32 0.74 -32.91
N ALA D 102 -14.62 -0.45 -33.41
CA ALA D 102 -15.79 -0.63 -34.25
C ALA D 102 -16.93 -1.34 -33.51
N LEU D 103 -16.74 -1.59 -32.22
CA LEU D 103 -17.78 -2.20 -31.38
C LEU D 103 -18.62 -1.07 -30.81
N SER D 104 -19.73 -1.44 -30.17
CA SER D 104 -20.66 -0.44 -29.65
C SER D 104 -21.56 -0.99 -28.55
N ASN D 105 -21.54 -0.31 -27.42
CA ASN D 105 -22.35 -0.69 -26.25
C ASN D 105 -23.81 -0.78 -26.63
N GLY D 106 -24.43 -1.88 -26.25
CA GLY D 106 -25.85 -2.07 -26.57
C GLY D 106 -26.09 -2.84 -27.87
N SER D 107 -25.01 -3.11 -28.62
CA SER D 107 -25.10 -3.89 -29.85
C SER D 107 -24.53 -5.28 -29.67
N VAL D 108 -25.04 -6.18 -30.49
CA VAL D 108 -24.62 -7.56 -30.49
C VAL D 108 -23.30 -7.68 -31.25
N ALA D 109 -22.39 -8.51 -30.77
CA ALA D 109 -21.16 -8.74 -31.53
C ALA D 109 -20.75 -10.17 -31.32
N THR D 110 -20.01 -10.72 -32.28
CA THR D 110 -19.44 -12.07 -32.20
C THR D 110 -17.94 -11.91 -32.08
N ILE D 111 -17.36 -12.50 -31.03
CA ILE D 111 -15.93 -12.38 -30.78
C ILE D 111 -15.32 -13.75 -30.52
N VAL D 112 -14.26 -14.07 -31.28
CA VAL D 112 -13.49 -15.29 -31.12
C VAL D 112 -12.42 -14.96 -30.10
N GLY D 113 -12.14 -15.89 -29.19
CA GLY D 113 -11.09 -15.69 -28.18
C GLY D 113 -10.54 -16.98 -27.62
N GLN D 114 -9.42 -16.91 -26.91
CA GLN D 114 -8.77 -18.12 -26.39
C GLN D 114 -8.82 -18.20 -24.86
N VAL D 115 -9.06 -19.39 -24.32
CA VAL D 115 -9.15 -19.56 -22.88
C VAL D 115 -7.76 -19.76 -22.34
N HIS D 116 -7.34 -18.90 -21.43
CA HIS D 116 -6.07 -19.10 -20.75
C HIS D 116 -6.47 -19.61 -19.37
N GLN D 117 -5.52 -19.88 -18.50
CA GLN D 117 -5.86 -20.43 -17.19
C GLN D 117 -6.69 -19.43 -16.34
N VAL D 118 -7.82 -19.89 -15.82
CA VAL D 118 -8.70 -19.07 -15.02
C VAL D 118 -8.36 -19.17 -13.54
N GLN D 119 -7.90 -18.07 -12.97
CA GLN D 119 -7.53 -17.99 -11.57
C GLN D 119 -8.08 -16.75 -10.94
N ASP D 120 -8.29 -16.79 -9.64
CA ASP D 120 -8.79 -15.62 -8.89
C ASP D 120 -10.09 -15.08 -9.48
N SER D 121 -10.90 -15.98 -10.02
CA SER D 121 -12.15 -15.67 -10.66
C SER D 121 -12.78 -16.98 -11.04
N THR D 122 -14.06 -16.98 -11.32
CA THR D 122 -14.74 -18.17 -11.76
C THR D 122 -15.17 -18.02 -13.21
N ILE D 123 -14.81 -16.89 -13.83
CA ILE D 123 -15.19 -16.64 -15.21
C ILE D 123 -13.95 -16.23 -16.00
N PRO D 124 -13.77 -16.83 -17.16
CA PRO D 124 -12.60 -16.51 -17.92
C PRO D 124 -12.65 -15.17 -18.63
N THR D 125 -11.48 -14.60 -18.84
CA THR D 125 -11.35 -13.41 -19.62
C THR D 125 -10.66 -13.96 -20.83
N LEU D 126 -11.37 -13.94 -21.96
CA LEU D 126 -10.87 -14.51 -23.16
C LEU D 126 -9.75 -13.63 -23.71
N GLN D 127 -8.68 -14.26 -24.24
CA GLN D 127 -7.47 -13.59 -24.72
C GLN D 127 -7.25 -13.66 -26.23
N ASN D 128 -6.29 -12.86 -26.74
CA ASN D 128 -5.94 -12.83 -28.16
CA ASN D 128 -5.95 -12.74 -28.18
C ASN D 128 -7.20 -12.80 -29.03
N PRO D 129 -8.19 -11.96 -28.69
CA PRO D 129 -9.43 -12.04 -29.44
C PRO D 129 -9.47 -11.35 -30.78
N LYS D 130 -10.51 -11.65 -31.55
CA LYS D 130 -10.72 -11.07 -32.86
C LYS D 130 -12.23 -10.92 -33.02
N VAL D 131 -12.70 -9.74 -33.43
CA VAL D 131 -14.13 -9.59 -33.69
C VAL D 131 -14.48 -10.18 -35.06
N VAL D 132 -15.61 -10.89 -35.12
CA VAL D 132 -16.15 -11.52 -36.32
C VAL D 132 -17.47 -10.90 -36.75
N GLN E 15 -3.43 28.10 -27.16
CA GLN E 15 -4.82 27.53 -27.12
C GLN E 15 -5.81 28.43 -27.92
N PRO E 16 -7.10 28.00 -28.05
CA PRO E 16 -8.12 28.77 -28.82
C PRO E 16 -8.35 30.26 -28.45
N GLY E 17 -8.32 31.12 -29.49
CA GLY E 17 -8.54 32.58 -29.38
C GLY E 17 -10.00 32.99 -29.27
N ASP E 18 -10.25 34.12 -28.61
CA ASP E 18 -11.61 34.65 -28.29
C ASP E 18 -12.65 34.69 -29.45
N ASP E 19 -12.23 34.86 -30.71
CA ASP E 19 -13.19 34.84 -31.83
C ASP E 19 -13.36 33.40 -32.38
N ALA E 20 -12.29 32.60 -32.34
CA ALA E 20 -12.37 31.21 -32.79
C ALA E 20 -13.39 30.49 -31.89
N VAL E 21 -13.38 30.84 -30.61
CA VAL E 21 -14.32 30.32 -29.61
C VAL E 21 -15.77 30.61 -29.98
N ALA E 22 -16.07 31.87 -30.23
CA ALA E 22 -17.40 32.26 -30.62
C ALA E 22 -17.94 31.33 -31.69
N SER E 23 -17.09 30.98 -32.67
CA SER E 23 -17.51 30.14 -33.79
C SER E 23 -17.42 28.61 -33.57
N MSE E 24 -17.04 28.15 -32.39
CA MSE E 24 -17.03 26.74 -32.12
C MSE E 24 -18.46 26.29 -31.82
O MSE E 24 -19.22 27.04 -31.24
CB MSE E 24 -16.16 26.42 -30.91
CG MSE E 24 -14.69 26.66 -31.10
SE MSE E 24 -13.64 26.38 -29.45
CE MSE E 24 -13.82 24.48 -29.33
N GLN E 25 -18.82 25.08 -32.21
CA GLN E 25 -20.10 24.50 -31.87
C GLN E 25 -20.16 24.26 -30.36
N THR E 26 -21.35 24.28 -29.78
CA THR E 26 -21.50 24.11 -28.35
C THR E 26 -22.08 22.77 -28.02
N TYR E 27 -21.50 22.08 -27.06
CA TYR E 27 -22.08 20.81 -26.60
C TYR E 27 -22.71 20.96 -25.23
N SER E 28 -23.81 20.25 -25.01
CA SER E 28 -24.33 20.09 -23.68
C SER E 28 -23.50 18.93 -23.14
N VAL E 29 -23.56 18.68 -21.83
CA VAL E 29 -22.83 17.58 -21.26
C VAL E 29 -23.33 16.25 -21.83
N ALA E 30 -24.63 16.07 -21.91
CA ALA E 30 -25.18 14.83 -22.47
C ALA E 30 -24.68 14.57 -23.91
N GLN E 31 -24.71 15.60 -24.74
CA GLN E 31 -24.26 15.47 -26.12
C GLN E 31 -22.75 15.23 -26.22
N PHE E 32 -21.96 15.83 -25.34
CA PHE E 32 -20.54 15.57 -25.44
C PHE E 32 -20.21 14.14 -24.98
N LEU E 33 -20.95 13.63 -24.02
CA LEU E 33 -20.67 12.29 -23.50
C LEU E 33 -21.31 11.18 -24.30
N GLN E 34 -22.22 11.50 -25.22
CA GLN E 34 -22.93 10.47 -25.94
C GLN E 34 -22.04 9.44 -26.59
N PRO E 35 -21.09 9.85 -27.44
CA PRO E 35 -20.21 8.87 -28.10
C PRO E 35 -19.34 8.06 -27.16
N PHE E 36 -19.03 8.65 -26.00
CA PHE E 36 -18.26 7.96 -24.99
C PHE E 36 -19.07 6.89 -24.32
N THR E 37 -20.38 7.08 -24.24
CA THR E 37 -21.28 6.09 -23.70
C THR E 37 -21.37 4.93 -24.67
N LEU E 38 -21.33 5.21 -25.97
CA LEU E 38 -21.40 4.14 -26.95
C LEU E 38 -20.10 3.33 -27.02
N ASN E 39 -18.96 4.03 -27.15
CA ASN E 39 -17.66 3.39 -27.25
C ASN E 39 -16.58 4.38 -26.89
N PRO E 40 -16.12 4.36 -25.62
CA PRO E 40 -15.12 5.34 -25.26
C PRO E 40 -13.80 5.18 -26.00
N ALA E 41 -13.52 4.01 -26.58
CA ALA E 41 -12.26 3.83 -27.28
C ALA E 41 -12.37 4.59 -28.58
N LYS E 42 -13.47 4.37 -29.29
CA LYS E 42 -13.71 5.09 -30.51
C LYS E 42 -13.81 6.60 -30.28
N ALA E 43 -14.64 7.03 -29.34
CA ALA E 43 -14.79 8.46 -29.05
C ALA E 43 -13.46 9.12 -28.72
N SER E 44 -12.63 8.42 -27.96
CA SER E 44 -11.36 8.97 -27.55
C SER E 44 -10.52 9.24 -28.79
N SER E 45 -10.51 8.30 -29.70
CA SER E 45 -9.71 8.44 -30.90
C SER E 45 -10.27 9.54 -31.85
N ASP E 46 -11.58 9.66 -31.95
CA ASP E 46 -12.20 10.66 -32.82
C ASP E 46 -12.12 12.09 -32.28
N TYR E 47 -12.00 12.27 -30.96
CA TYR E 47 -11.91 13.61 -30.34
C TYR E 47 -10.48 13.93 -29.88
N LEU E 48 -9.54 13.00 -30.04
CA LEU E 48 -8.19 13.16 -29.52
C LEU E 48 -7.48 14.41 -29.95
N GLY E 49 -7.10 15.23 -28.99
CA GLY E 49 -6.39 16.47 -29.30
C GLY E 49 -7.28 17.60 -29.81
N LYS E 50 -8.60 17.37 -29.91
CA LYS E 50 -9.49 18.41 -30.36
C LYS E 50 -9.97 19.21 -29.16
N TRP E 51 -10.42 20.43 -29.46
CA TRP E 51 -10.95 21.34 -28.47
C TRP E 51 -12.46 21.32 -28.57
N VAL E 52 -13.15 21.20 -27.44
CA VAL E 52 -14.56 21.22 -27.42
C VAL E 52 -15.05 22.26 -26.45
N LYS E 53 -16.22 22.82 -26.74
CA LYS E 53 -16.84 23.88 -25.95
C LYS E 53 -18.12 23.28 -25.38
N VAL E 54 -18.11 23.06 -24.07
CA VAL E 54 -19.24 22.47 -23.38
C VAL E 54 -19.91 23.41 -22.39
N ARG E 55 -21.24 23.33 -22.34
CA ARG E 55 -22.03 24.14 -21.45
C ARG E 55 -22.86 23.28 -20.50
N GLY E 56 -22.91 23.69 -19.24
CA GLY E 56 -23.66 23.00 -18.21
C GLY E 56 -23.65 23.73 -16.88
N VAL E 57 -24.25 23.12 -15.87
CA VAL E 57 -24.30 23.68 -14.55
C VAL E 57 -23.15 23.12 -13.75
N ILE E 58 -22.34 24.01 -13.14
CA ILE E 58 -21.22 23.58 -12.33
C ILE E 58 -21.78 22.99 -11.01
N VAL E 59 -21.30 21.82 -10.65
CA VAL E 59 -21.78 21.17 -9.43
C VAL E 59 -20.70 20.95 -8.37
N ASP E 60 -19.43 21.01 -8.75
CA ASP E 60 -18.34 20.90 -7.82
C ASP E 60 -17.14 21.66 -8.37
N ILE E 61 -16.50 22.44 -7.49
CA ILE E 61 -15.29 23.17 -7.76
C ILE E 61 -14.36 22.81 -6.62
N ARG E 62 -13.11 22.49 -6.91
CA ARG E 62 -12.25 22.00 -5.85
C ARG E 62 -10.79 22.12 -6.21
N ARG E 63 -10.00 22.50 -5.21
CA ARG E 63 -8.58 22.61 -5.36
C ARG E 63 -7.93 21.31 -4.88
N LYS E 64 -6.97 20.81 -5.64
CA LYS E 64 -6.33 19.56 -5.32
C LYS E 64 -4.83 19.69 -5.29
N SER E 65 -4.20 18.97 -4.36
CA SER E 65 -2.77 18.88 -4.21
C SER E 65 -2.16 18.21 -5.38
N GLY E 66 -1.06 18.77 -5.86
CA GLY E 66 -0.42 18.22 -7.05
C GLY E 66 0.89 17.52 -6.81
N ILE E 67 1.42 16.89 -7.85
CA ILE E 67 2.71 16.22 -7.75
C ILE E 67 3.80 17.28 -7.98
N ALA E 68 4.96 17.07 -7.37
CA ALA E 68 6.12 17.95 -7.60
C ALA E 68 5.83 19.45 -7.44
N GLY E 69 5.46 19.83 -6.21
CA GLY E 69 5.20 21.24 -5.82
C GLY E 69 3.99 21.97 -6.43
N SER E 70 3.12 21.27 -7.14
CA SER E 70 2.03 21.96 -7.79
C SER E 70 0.69 21.80 -7.09
N TYR E 71 -0.31 22.45 -7.67
CA TYR E 71 -1.69 22.25 -7.27
C TYR E 71 -2.49 22.47 -8.52
N TYR E 72 -3.71 21.94 -8.55
CA TYR E 72 -4.59 22.12 -9.71
C TYR E 72 -6.03 22.18 -9.20
N PHE E 73 -7.00 22.36 -10.11
CA PHE E 73 -8.40 22.39 -9.73
C PHE E 73 -9.20 21.44 -10.58
N ILE E 74 -10.27 20.92 -10.01
CA ILE E 74 -11.20 20.06 -10.71
C ILE E 74 -12.55 20.75 -10.62
N VAL E 75 -13.12 21.04 -11.79
CA VAL E 75 -14.44 21.64 -11.95
C VAL E 75 -15.27 20.54 -12.62
N THR E 76 -16.37 20.17 -11.97
CA THR E 76 -17.30 19.17 -12.45
C THR E 76 -18.63 19.85 -12.85
N MSE E 77 -19.19 19.40 -13.97
CA MSE E 77 -20.40 20.00 -14.56
C MSE E 77 -21.43 18.95 -14.89
O MSE E 77 -21.09 17.87 -15.36
CB MSE E 77 -19.97 20.74 -15.84
CG MSE E 77 -21.00 21.13 -16.84
SE MSE E 77 -20.09 21.68 -18.52
CE MSE E 77 -19.27 23.36 -17.74
N ARG E 78 -22.69 19.28 -14.64
CA ARG E 78 -23.76 18.36 -14.98
C ARG E 78 -24.48 18.91 -16.18
N ASP E 79 -25.20 18.05 -16.86
CA ASP E 79 -26.02 18.44 -17.97
C ASP E 79 -27.10 19.36 -17.44
N GLU E 80 -27.23 20.50 -18.10
CA GLU E 80 -28.15 21.54 -17.71
C GLU E 80 -29.59 21.06 -17.58
N GLN E 81 -29.98 20.06 -18.37
CA GLN E 81 -31.35 19.59 -18.36
C GLN E 81 -31.46 18.18 -17.80
N ASN E 82 -30.42 17.74 -17.10
CA ASN E 82 -30.35 16.38 -16.57
C ASN E 82 -30.57 15.29 -17.63
N LYS E 83 -30.14 15.60 -18.86
CA LYS E 83 -30.23 14.66 -20.00
C LYS E 83 -29.32 13.42 -19.84
N THR E 84 -28.38 13.50 -18.90
CA THR E 84 -27.56 12.34 -18.51
C THR E 84 -27.26 12.54 -17.03
N ASP E 85 -26.99 11.46 -16.31
CA ASP E 85 -26.59 11.59 -14.89
C ASP E 85 -25.06 11.65 -14.75
N LYS E 86 -24.35 11.32 -15.83
CA LYS E 86 -22.89 11.38 -15.86
C LYS E 86 -22.47 12.84 -15.81
N ARG E 87 -21.38 13.10 -15.12
CA ARG E 87 -20.85 14.45 -14.97
CA ARG E 87 -20.86 14.44 -14.99
C ARG E 87 -19.56 14.53 -15.75
N LEU E 88 -19.23 15.71 -16.23
CA LEU E 88 -17.99 15.97 -16.96
C LEU E 88 -17.03 16.79 -16.06
N THR E 89 -15.77 16.40 -15.98
CA THR E 89 -14.85 17.14 -15.18
C THR E 89 -13.79 17.82 -16.09
N PHE E 90 -13.26 18.93 -15.59
CA PHE E 90 -12.23 19.72 -16.24
C PHE E 90 -11.06 19.91 -15.28
N ASN E 91 -9.85 19.72 -15.76
CA ASN E 91 -8.68 19.84 -14.93
C ASN E 91 -7.97 21.15 -15.28
N PHE E 92 -8.01 22.12 -14.36
CA PHE E 92 -7.38 23.43 -14.52
C PHE E 92 -6.08 23.54 -13.72
N GLY E 93 -5.00 23.90 -14.39
CA GLY E 93 -3.73 24.11 -13.75
C GLY E 93 -3.76 25.37 -12.89
N SER E 94 -2.76 25.47 -12.01
CA SER E 94 -2.65 26.59 -11.09
C SER E 94 -2.71 27.93 -11.78
N HIS E 95 -2.12 28.03 -12.96
CA HIS E 95 -2.07 29.30 -13.71
C HIS E 95 -3.44 29.79 -14.14
N ASN E 96 -4.46 29.00 -13.98
CA ASN E 96 -5.75 29.47 -14.40
C ASN E 96 -6.68 29.57 -13.23
N SER E 97 -6.14 29.94 -12.08
CA SER E 97 -6.96 30.03 -10.89
C SER E 97 -7.97 31.16 -10.97
N ALA E 98 -7.67 32.25 -11.67
CA ALA E 98 -8.66 33.34 -11.78
C ALA E 98 -9.95 32.86 -12.43
N ASP E 99 -9.87 31.96 -13.42
CA ASP E 99 -11.08 31.41 -14.05
C ASP E 99 -11.89 30.56 -13.09
N VAL E 100 -11.21 29.69 -12.38
CA VAL E 100 -11.88 28.78 -11.50
C VAL E 100 -12.52 29.59 -10.38
N GLU E 101 -11.86 30.64 -9.94
CA GLU E 101 -12.38 31.45 -8.87
C GLU E 101 -13.58 32.31 -9.23
N ALA E 102 -13.86 32.44 -10.50
CA ALA E 102 -15.01 33.23 -10.92
C ALA E 102 -16.19 32.30 -11.14
N LEU E 103 -16.00 30.98 -11.12
CA LEU E 103 -17.12 30.07 -11.27
C LEU E 103 -17.98 30.02 -10.01
N SER E 104 -19.13 29.35 -10.11
CA SER E 104 -20.04 29.26 -8.99
C SER E 104 -20.91 27.99 -9.04
N ASN E 105 -20.87 27.19 -7.98
CA ASN E 105 -21.68 25.96 -7.93
C ASN E 105 -23.15 26.33 -8.06
N GLY E 106 -23.85 25.65 -8.95
CA GLY E 106 -25.26 25.93 -9.16
C GLY E 106 -25.56 26.83 -10.35
N SER E 107 -24.52 27.42 -10.95
CA SER E 107 -24.66 28.34 -12.07
C SER E 107 -24.18 27.72 -13.37
N VAL E 108 -24.78 28.15 -14.48
CA VAL E 108 -24.36 27.67 -15.77
C VAL E 108 -23.00 28.29 -16.15
N ALA E 109 -22.18 27.53 -16.83
CA ALA E 109 -20.93 28.04 -17.37
C ALA E 109 -20.66 27.28 -18.67
N THR E 110 -19.85 27.87 -19.55
CA THR E 110 -19.45 27.30 -20.80
C THR E 110 -17.95 27.27 -20.71
N ILE E 111 -17.37 26.09 -20.93
CA ILE E 111 -15.94 25.93 -20.83
C ILE E 111 -15.42 25.19 -22.06
N VAL E 112 -14.34 25.74 -22.60
CA VAL E 112 -13.62 25.14 -23.71
C VAL E 112 -12.50 24.31 -23.08
N GLY E 113 -12.29 23.09 -23.58
CA GLY E 113 -11.27 22.22 -23.10
C GLY E 113 -10.76 21.27 -24.16
N GLN E 114 -9.62 20.63 -23.89
CA GLN E 114 -9.01 19.71 -24.85
C GLN E 114 -9.11 18.26 -24.41
N VAL E 115 -9.42 17.39 -25.37
CA VAL E 115 -9.56 15.97 -25.07
C VAL E 115 -8.23 15.29 -25.19
N HIS E 116 -7.82 14.66 -24.11
CA HIS E 116 -6.61 13.89 -24.11
C HIS E 116 -7.02 12.42 -24.13
N GLN E 117 -6.06 11.53 -24.17
CA GLN E 117 -6.36 10.10 -24.23
C GLN E 117 -7.13 9.66 -22.98
N VAL E 118 -8.29 9.02 -23.16
CA VAL E 118 -9.11 8.55 -22.04
C VAL E 118 -8.69 7.13 -21.74
N GLN E 119 -8.18 6.88 -20.54
CA GLN E 119 -7.78 5.54 -20.11
C GLN E 119 -8.27 5.30 -18.71
N ASP E 120 -8.41 4.03 -18.35
CA ASP E 120 -8.86 3.62 -17.02
C ASP E 120 -10.11 4.38 -16.58
N SER E 121 -10.99 4.62 -17.54
CA SER E 121 -12.25 5.36 -17.35
CA SER E 121 -12.23 5.36 -17.35
C SER E 121 -12.98 5.39 -18.69
N THR E 122 -14.22 5.78 -18.66
CA THR E 122 -15.03 5.89 -19.87
C THR E 122 -15.46 7.33 -20.15
N ILE E 123 -15.10 8.26 -19.29
CA ILE E 123 -15.47 9.65 -19.41
C ILE E 123 -14.19 10.45 -19.38
N PRO E 124 -14.01 11.38 -20.31
CA PRO E 124 -12.76 12.11 -20.29
C PRO E 124 -12.76 13.21 -19.27
N THR E 125 -11.58 13.61 -18.83
CA THR E 125 -11.43 14.80 -18.03
C THR E 125 -10.78 15.76 -19.00
N LEU E 126 -11.48 16.83 -19.35
CA LEU E 126 -10.94 17.76 -20.32
C LEU E 126 -9.76 18.56 -19.73
N GLN E 127 -8.78 18.86 -20.58
CA GLN E 127 -7.53 19.53 -20.17
C GLN E 127 -7.36 20.93 -20.77
N ASN E 128 -6.36 21.64 -20.23
CA ASN E 128 -6.02 23.02 -20.59
C ASN E 128 -7.26 23.90 -20.82
N PRO E 129 -8.18 23.93 -19.87
CA PRO E 129 -9.43 24.63 -20.14
C PRO E 129 -9.44 26.17 -19.99
N LYS E 130 -10.44 26.78 -20.61
CA LYS E 130 -10.64 28.23 -20.54
C LYS E 130 -12.13 28.43 -20.41
N VAL E 131 -12.54 29.24 -19.46
CA VAL E 131 -13.93 29.56 -19.26
C VAL E 131 -14.30 30.59 -20.30
N VAL E 132 -15.38 30.36 -21.03
CA VAL E 132 -15.85 31.28 -22.08
C VAL E 132 -16.73 32.24 -21.36
N LYS E 133 -16.29 33.49 -21.33
CA LYS E 133 -16.89 34.49 -20.46
C LYS E 133 -17.42 35.72 -21.22
N GLN F 15 3.59 25.45 28.52
CA GLN F 15 5.00 25.77 28.12
C GLN F 15 5.66 26.64 29.20
N PRO F 16 7.01 26.53 29.37
CA PRO F 16 7.66 27.37 30.38
C PRO F 16 8.07 28.77 29.87
N GLY F 17 8.13 29.72 30.81
CA GLY F 17 8.46 31.14 30.54
C GLY F 17 9.94 31.54 30.63
N ASP F 18 10.22 32.78 30.20
CA ASP F 18 11.59 33.36 30.12
C ASP F 18 12.49 33.14 31.33
N ASP F 19 11.94 33.33 32.54
CA ASP F 19 12.73 33.17 33.79
C ASP F 19 12.97 31.68 34.12
N ALA F 20 11.93 30.85 33.95
CA ALA F 20 12.03 29.40 34.15
C ALA F 20 13.02 28.78 33.18
N VAL F 21 13.01 29.25 31.93
CA VAL F 21 13.91 28.77 30.89
C VAL F 21 15.36 29.07 31.23
N ALA F 22 15.63 30.31 31.60
CA ALA F 22 16.96 30.77 31.99
C ALA F 22 17.59 29.88 33.06
N SER F 23 16.77 29.39 33.98
CA SER F 23 17.25 28.62 35.13
C SER F 23 17.44 27.13 34.87
N MSE F 24 17.00 26.64 33.72
CA MSE F 24 17.18 25.23 33.43
C MSE F 24 18.60 24.90 32.92
O MSE F 24 19.30 25.75 32.37
CB MSE F 24 16.06 24.63 32.53
CG MSE F 24 15.31 25.54 31.58
SE MSE F 24 13.73 24.74 30.64
CE MSE F 24 14.49 23.07 30.05
N GLN F 25 19.01 23.68 33.16
CA GLN F 25 20.25 23.24 32.61
C GLN F 25 20.22 23.17 31.06
N THR F 26 21.37 23.29 30.41
CA THR F 26 21.48 23.18 28.95
C THR F 26 22.19 21.90 28.63
N TYR F 27 21.48 20.99 28.00
CA TYR F 27 22.09 19.75 27.57
C TYR F 27 22.80 19.97 26.24
N SER F 28 23.74 19.09 25.94
CA SER F 28 24.29 18.99 24.61
C SER F 28 23.46 17.84 24.02
N VAL F 29 23.55 17.66 22.71
CA VAL F 29 22.88 16.60 22.08
C VAL F 29 23.42 15.27 22.62
N ALA F 30 24.73 15.11 22.67
CA ALA F 30 25.31 13.86 23.18
C ALA F 30 24.80 13.49 24.56
N GLN F 31 24.75 14.49 25.43
CA GLN F 31 24.42 14.24 26.83
C GLN F 31 22.95 13.89 26.99
N PHE F 32 22.11 14.56 26.23
CA PHE F 32 20.68 14.31 26.31
C PHE F 32 20.33 12.92 25.72
N LEU F 33 20.97 12.58 24.61
CA LEU F 33 20.72 11.27 24.01
C LEU F 33 21.40 10.11 24.73
N GLN F 34 22.29 10.40 25.67
CA GLN F 34 23.03 9.31 26.35
C GLN F 34 22.12 8.26 27.02
N PRO F 35 21.17 8.68 27.87
CA PRO F 35 20.26 7.70 28.50
C PRO F 35 19.41 6.95 27.47
N PHE F 36 19.08 7.60 26.36
CA PHE F 36 18.34 6.95 25.32
C PHE F 36 19.17 5.87 24.66
N THR F 37 20.48 6.08 24.57
CA THR F 37 21.39 5.10 23.99
C THR F 37 21.51 3.87 24.86
N LEU F 38 21.47 4.05 26.19
CA LEU F 38 21.49 2.94 27.17
C LEU F 38 20.15 2.16 27.19
N ASN F 39 19.04 2.89 27.24
CA ASN F 39 17.74 2.28 27.31
C ASN F 39 16.66 3.31 27.02
N PRO F 40 16.20 3.38 25.76
CA PRO F 40 15.20 4.37 25.42
C PRO F 40 13.87 4.12 26.12
N ALA F 41 13.55 2.88 26.49
CA ALA F 41 12.29 2.68 27.22
C ALA F 41 12.37 3.36 28.59
N LYS F 42 13.48 3.16 29.29
CA LYS F 42 13.64 3.76 30.58
C LYS F 42 13.72 5.29 30.49
N ALA F 43 14.52 5.76 29.55
CA ALA F 43 14.71 7.17 29.34
C ALA F 43 13.40 7.88 28.98
N SER F 44 12.64 7.29 28.07
CA SER F 44 11.39 7.88 27.64
C SER F 44 10.45 7.95 28.83
N SER F 45 10.50 6.94 29.68
CA SER F 45 9.65 6.92 30.85
C SER F 45 10.11 7.93 31.92
N ASP F 46 11.41 8.08 32.10
CA ASP F 46 11.90 9.04 33.09
C ASP F 46 11.65 10.51 32.67
N TYR F 47 11.69 10.76 31.36
CA TYR F 47 11.51 12.07 30.85
C TYR F 47 10.09 12.42 30.42
N LEU F 48 9.20 11.42 30.39
CA LEU F 48 7.83 11.64 29.89
C LEU F 48 7.19 12.90 30.46
N GLY F 49 6.80 13.78 29.56
CA GLY F 49 6.15 15.05 29.91
C GLY F 49 7.05 16.16 30.43
N LYS F 50 8.34 15.89 30.59
CA LYS F 50 9.27 16.87 31.11
C LYS F 50 9.85 17.71 30.00
N TRP F 51 10.30 18.91 30.37
CA TRP F 51 10.90 19.83 29.41
C TRP F 51 12.40 19.82 29.55
N VAL F 52 13.09 19.82 28.42
CA VAL F 52 14.53 19.89 28.36
C VAL F 52 14.95 21.01 27.41
N LYS F 53 16.11 21.59 27.69
CA LYS F 53 16.71 22.69 26.91
C LYS F 53 18.00 22.12 26.32
N VAL F 54 18.03 22.01 24.97
CA VAL F 54 19.14 21.40 24.28
C VAL F 54 19.75 22.37 23.29
N ARG F 55 21.08 22.37 23.25
CA ARG F 55 21.82 23.23 22.37
C ARG F 55 22.65 22.37 21.43
N GLY F 56 22.71 22.80 20.16
CA GLY F 56 23.53 22.11 19.13
C GLY F 56 23.58 22.90 17.81
N VAL F 57 24.25 22.35 16.80
CA VAL F 57 24.28 22.98 15.49
C VAL F 57 23.10 22.44 14.71
N ILE F 58 22.31 23.36 14.15
CA ILE F 58 21.17 22.99 13.37
C ILE F 58 21.71 22.48 12.06
N VAL F 59 21.29 21.31 11.62
CA VAL F 59 21.78 20.76 10.35
C VAL F 59 20.66 20.61 9.31
N ASP F 60 19.39 20.68 9.70
CA ASP F 60 18.31 20.61 8.73
C ASP F 60 17.10 21.31 9.29
N ILE F 61 16.40 22.02 8.40
CA ILE F 61 15.16 22.75 8.66
C ILE F 61 14.25 22.45 7.47
N ARG F 62 13.06 21.94 7.73
CA ARG F 62 12.12 21.55 6.74
C ARG F 62 10.70 21.85 7.10
N ARG F 63 9.93 22.30 6.11
CA ARG F 63 8.53 22.47 6.25
C ARG F 63 7.91 21.18 5.74
N LYS F 64 6.92 20.65 6.45
CA LYS F 64 6.33 19.35 6.10
C LYS F 64 4.80 19.43 6.00
N SER F 65 4.22 18.65 5.10
CA SER F 65 2.79 18.60 4.94
C SER F 65 2.17 17.86 6.10
N GLY F 66 1.07 18.39 6.64
CA GLY F 66 0.40 17.76 7.76
C GLY F 66 -0.89 17.08 7.42
N ILE F 67 -1.45 16.40 8.42
CA ILE F 67 -2.73 15.71 8.28
C ILE F 67 -3.76 16.77 8.62
N ALA F 68 -4.97 16.63 8.07
CA ALA F 68 -6.09 17.53 8.39
C ALA F 68 -5.77 19.05 8.24
N GLY F 69 -5.40 19.42 7.00
CA GLY F 69 -5.13 20.82 6.58
C GLY F 69 -3.88 21.51 7.14
N SER F 70 -3.10 20.82 7.94
CA SER F 70 -1.99 21.48 8.62
C SER F 70 -0.63 21.38 7.93
N TYR F 71 0.35 22.06 8.51
CA TYR F 71 1.71 21.91 8.11
C TYR F 71 2.51 22.09 9.38
N TYR F 72 3.73 21.60 9.38
CA TYR F 72 4.55 21.70 10.56
C TYR F 72 6.03 21.77 10.12
N PHE F 73 6.95 21.90 11.06
CA PHE F 73 8.35 21.92 10.69
C PHE F 73 9.16 20.92 11.50
N ILE F 74 10.19 20.36 10.89
CA ILE F 74 11.13 19.48 11.54
C ILE F 74 12.48 20.19 11.50
N VAL F 75 13.10 20.31 12.65
CA VAL F 75 14.39 20.95 12.79
C VAL F 75 15.30 19.89 13.43
N THR F 76 16.41 19.59 12.76
CA THR F 76 17.32 18.58 13.21
C THR F 76 18.58 19.24 13.69
N MSE F 77 19.15 18.68 14.77
CA MSE F 77 20.30 19.25 15.47
C MSE F 77 21.39 18.20 15.76
O MSE F 77 21.08 17.11 16.23
CB MSE F 77 19.76 19.79 16.80
CG MSE F 77 20.79 20.27 17.79
SE MSE F 77 20.02 20.81 19.48
CE MSE F 77 18.99 22.38 18.82
N ARG F 78 22.67 18.54 15.48
CA ARG F 78 23.75 17.62 15.83
C ARG F 78 24.51 18.14 17.06
N ASP F 79 25.25 17.25 17.72
CA ASP F 79 26.03 17.66 18.87
C ASP F 79 27.02 18.71 18.43
N GLU F 80 27.11 19.78 19.20
CA GLU F 80 27.99 20.91 18.87
C GLU F 80 29.46 20.50 18.58
N GLN F 81 29.93 19.47 19.24
CA GLN F 81 31.29 19.02 19.08
C GLN F 81 31.34 17.61 18.53
N ASN F 82 30.26 17.13 17.91
CA ASN F 82 30.22 15.78 17.33
C ASN F 82 30.55 14.67 18.33
N LYS F 83 30.24 14.85 19.61
CA LYS F 83 30.50 13.81 20.61
C LYS F 83 29.58 12.58 20.36
N THR F 84 28.55 12.75 19.53
CA THR F 84 27.70 11.63 19.09
C THR F 84 27.36 11.86 17.65
N ASP F 85 27.12 10.78 16.93
CA ASP F 85 26.73 10.84 15.52
CA ASP F 85 26.75 10.92 15.53
C ASP F 85 25.22 10.97 15.39
N LYS F 86 24.50 10.75 16.48
CA LYS F 86 23.04 10.81 16.52
C LYS F 86 22.48 12.24 16.50
N ARG F 87 21.37 12.44 15.81
CA ARG F 87 20.74 13.76 15.69
C ARG F 87 19.49 13.84 16.53
N LEU F 88 19.15 15.05 16.94
CA LEU F 88 17.94 15.30 17.70
C LEU F 88 17.02 16.12 16.81
N THR F 89 15.74 15.73 16.73
CA THR F 89 14.78 16.46 15.91
C THR F 89 13.76 17.11 16.81
N PHE F 90 13.20 18.23 16.36
CA PHE F 90 12.20 19.01 17.09
C PHE F 90 11.05 19.21 16.14
N ASN F 91 9.84 19.05 16.63
CA ASN F 91 8.69 19.18 15.75
C ASN F 91 7.95 20.46 16.07
N PHE F 92 8.04 21.47 15.22
CA PHE F 92 7.34 22.75 15.50
C PHE F 92 6.05 22.82 14.77
N GLY F 93 5.01 23.26 15.46
CA GLY F 93 3.68 23.42 14.82
C GLY F 93 3.71 24.69 14.03
N SER F 94 2.74 24.87 13.14
CA SER F 94 2.70 26.05 12.25
C SER F 94 2.64 27.38 12.96
N HIS F 95 2.07 27.40 14.15
CA HIS F 95 2.00 28.62 14.93
C HIS F 95 3.40 29.12 15.32
N ASN F 96 4.42 28.30 15.23
CA ASN F 96 5.72 28.78 15.66
C ASN F 96 6.64 28.97 14.48
N SER F 97 6.08 29.34 13.35
CA SER F 97 6.90 29.53 12.17
C SER F 97 7.91 30.69 12.29
N ALA F 98 7.62 31.70 13.11
CA ALA F 98 8.61 32.77 13.32
C ALA F 98 9.89 32.19 13.95
N ASP F 99 9.80 31.31 14.94
CA ASP F 99 11.03 30.78 15.49
C ASP F 99 11.80 29.98 14.43
N VAL F 100 11.08 29.17 13.67
CA VAL F 100 11.76 28.31 12.72
C VAL F 100 12.45 29.16 11.63
N GLU F 101 11.80 30.23 11.17
CA GLU F 101 12.37 31.07 10.13
C GLU F 101 13.60 31.87 10.59
N ALA F 102 13.82 31.92 11.89
CA ALA F 102 14.95 32.64 12.43
C ALA F 102 16.12 31.70 12.56
N LEU F 103 15.92 30.39 12.44
CA LEU F 103 17.08 29.47 12.54
C LEU F 103 17.95 29.49 11.29
N SER F 104 19.08 28.82 11.37
CA SER F 104 20.02 28.84 10.27
C SER F 104 20.90 27.58 10.26
N ASN F 105 20.79 26.76 9.20
CA ASN F 105 21.60 25.55 9.10
C ASN F 105 23.05 25.94 9.21
N GLY F 106 23.81 25.20 10.02
CA GLY F 106 25.20 25.50 10.24
C GLY F 106 25.42 26.40 11.46
N SER F 107 24.37 26.92 12.09
CA SER F 107 24.50 27.77 13.26
C SER F 107 23.97 27.15 14.53
N VAL F 108 24.64 27.47 15.63
CA VAL F 108 24.21 26.94 16.91
C VAL F 108 22.88 27.54 17.29
N ALA F 109 22.05 26.73 17.95
CA ALA F 109 20.80 27.21 18.49
C ALA F 109 20.51 26.46 19.79
N THR F 110 19.72 27.08 20.64
CA THR F 110 19.29 26.46 21.89
C THR F 110 17.80 26.38 21.84
N ILE F 111 17.24 25.18 21.99
CA ILE F 111 15.79 25.01 21.88
C ILE F 111 15.23 24.28 23.09
N VAL F 112 14.14 24.79 23.62
CA VAL F 112 13.45 24.11 24.72
C VAL F 112 12.34 23.29 24.07
N GLY F 113 12.12 22.09 24.59
CA GLY F 113 11.11 21.18 24.08
C GLY F 113 10.66 20.13 25.09
N GLN F 114 9.55 19.49 24.82
CA GLN F 114 8.98 18.52 25.72
C GLN F 114 9.06 17.11 25.15
N VAL F 115 9.40 16.15 26.00
CA VAL F 115 9.47 14.76 25.63
C VAL F 115 8.11 14.09 25.73
N HIS F 116 7.66 13.47 24.65
CA HIS F 116 6.41 12.74 24.62
C HIS F 116 6.82 11.28 24.56
N GLN F 117 5.88 10.34 24.45
CA GLN F 117 6.30 8.95 24.43
C GLN F 117 7.14 8.65 23.19
N VAL F 118 8.25 7.93 23.36
CA VAL F 118 9.11 7.55 22.28
C VAL F 118 8.72 6.12 21.92
N GLN F 119 8.25 5.91 20.68
CA GLN F 119 7.87 4.61 20.16
C GLN F 119 8.31 4.45 18.71
N ASP F 120 8.65 3.23 18.35
CA ASP F 120 9.05 2.93 17.00
C ASP F 120 10.30 3.71 16.63
N SER F 121 11.12 3.94 17.63
CA SER F 121 12.30 4.73 17.49
C SER F 121 13.03 4.65 18.81
N THR F 122 14.30 5.04 18.82
CA THR F 122 15.04 5.07 20.05
C THR F 122 15.44 6.49 20.41
N ILE F 123 15.09 7.47 19.61
CA ILE F 123 15.49 8.85 19.86
C ILE F 123 14.21 9.68 19.87
N PRO F 124 14.06 10.53 20.87
CA PRO F 124 12.85 11.30 20.87
C PRO F 124 12.86 12.45 19.86
N THR F 125 11.66 12.85 19.41
CA THR F 125 11.48 14.05 18.64
C THR F 125 10.80 14.95 19.63
N LEU F 126 11.47 16.01 20.05
CA LEU F 126 10.88 16.89 21.05
C LEU F 126 9.68 17.67 20.48
N GLN F 127 8.68 17.92 21.33
CA GLN F 127 7.43 18.57 20.96
C GLN F 127 7.24 19.96 21.58
N ASN F 128 6.25 20.72 21.07
CA ASN F 128 5.92 22.10 21.46
C ASN F 128 7.16 22.92 21.77
N PRO F 129 8.11 22.95 20.84
CA PRO F 129 9.37 23.60 21.16
C PRO F 129 9.34 25.08 21.10
N LYS F 130 10.42 25.68 21.60
CA LYS F 130 10.59 27.13 21.66
C LYS F 130 12.08 27.45 21.55
N VAL F 131 12.48 28.35 20.67
CA VAL F 131 13.89 28.71 20.54
C VAL F 131 14.21 29.73 21.62
N VAL F 132 15.36 29.61 22.28
CA VAL F 132 15.67 30.54 23.38
C VAL F 132 17.01 31.27 23.30
N PRO G 16 6.95 -20.06 34.05
CA PRO G 16 7.80 -20.71 35.05
C PRO G 16 8.12 -19.84 36.29
N GLY G 17 8.13 -20.47 37.47
CA GLY G 17 8.45 -19.80 38.74
C GLY G 17 9.95 -19.67 38.99
N ASP G 18 10.32 -18.88 40.00
CA ASP G 18 11.74 -18.64 40.36
C ASP G 18 12.54 -19.93 40.62
N ASP G 19 11.88 -20.93 41.18
CA ASP G 19 12.52 -22.22 41.43
C ASP G 19 12.84 -22.90 40.09
N ALA G 20 11.82 -23.06 39.26
CA ALA G 20 11.97 -23.71 37.96
C ALA G 20 13.04 -23.00 37.12
N VAL G 21 12.96 -21.68 37.05
CA VAL G 21 13.93 -20.89 36.28
C VAL G 21 15.36 -21.11 36.78
N ALA G 22 15.58 -20.95 38.08
CA ALA G 22 16.92 -21.15 38.65
C ALA G 22 17.54 -22.53 38.30
N SER G 23 16.72 -23.58 38.14
CA SER G 23 17.20 -24.92 37.74
C SER G 23 17.33 -25.16 36.21
N MSE G 24 16.80 -24.30 35.36
CA MSE G 24 16.99 -24.44 33.90
C MSE G 24 18.43 -24.16 33.49
O MSE G 24 19.11 -23.30 34.05
CB MSE G 24 16.14 -23.43 33.11
CG MSE G 24 14.65 -23.60 33.26
SE MSE G 24 13.70 -22.08 32.51
CE MSE G 24 14.03 -22.34 30.66
N GLN G 25 18.88 -24.88 32.50
CA GLN G 25 20.17 -24.64 31.93
C GLN G 25 20.08 -23.31 31.21
N THR G 26 21.22 -22.67 31.06
CA THR G 26 21.37 -21.42 30.36
C THR G 26 22.11 -21.66 29.07
N TYR G 27 21.62 -21.15 27.97
CA TYR G 27 22.33 -21.23 26.70
C TYR G 27 22.94 -19.91 26.32
N SER G 28 23.97 -19.96 25.49
CA SER G 28 24.44 -18.75 24.86
C SER G 28 23.50 -18.56 23.63
N VAL G 29 23.58 -17.40 23.01
CA VAL G 29 22.84 -17.14 21.81
C VAL G 29 23.29 -18.07 20.66
N ALA G 30 24.58 -18.28 20.50
CA ALA G 30 25.09 -19.20 19.46
C ALA G 30 24.54 -20.60 19.64
N GLN G 31 24.62 -21.09 20.88
CA GLN G 31 24.16 -22.44 21.17
C GLN G 31 22.68 -22.58 20.86
N PHE G 32 21.88 -21.63 21.30
CA PHE G 32 20.44 -21.75 21.09
C PHE G 32 20.07 -21.64 19.63
N LEU G 33 20.72 -20.76 18.88
CA LEU G 33 20.40 -20.59 17.47
C LEU G 33 20.95 -21.70 16.53
N GLN G 34 21.89 -22.52 16.99
CA GLN G 34 22.48 -23.52 16.12
C GLN G 34 21.41 -24.42 15.45
N PRO G 35 20.55 -25.07 16.23
CA PRO G 35 19.56 -25.85 15.52
C PRO G 35 18.77 -25.03 14.49
N PHE G 36 18.44 -23.79 14.81
CA PHE G 36 17.71 -22.94 13.85
C PHE G 36 18.54 -22.60 12.61
N THR G 37 19.85 -22.58 12.78
CA THR G 37 20.78 -22.32 11.69
C THR G 37 20.82 -23.49 10.73
N LEU G 38 20.75 -24.69 11.27
CA LEU G 38 20.72 -25.93 10.50
C LEU G 38 19.35 -26.14 9.79
N ASN G 39 18.25 -26.01 10.52
CA ASN G 39 16.91 -26.19 9.96
C ASN G 39 15.86 -25.58 10.88
N PRO G 40 15.46 -24.34 10.61
CA PRO G 40 14.48 -23.65 11.45
C PRO G 40 13.08 -24.30 11.50
N ALA G 41 12.68 -25.05 10.48
CA ALA G 41 11.38 -25.77 10.53
C ALA G 41 11.46 -26.89 11.57
N LYS G 42 12.54 -27.68 11.50
CA LYS G 42 12.80 -28.76 12.45
C LYS G 42 12.95 -28.17 13.86
N ALA G 43 13.75 -27.13 14.02
CA ALA G 43 13.99 -26.57 15.34
C ALA G 43 12.73 -25.97 15.92
N SER G 44 12.03 -25.17 15.11
CA SER G 44 10.78 -24.57 15.56
C SER G 44 9.82 -25.66 16.03
N SER G 45 9.80 -26.75 15.30
CA SER G 45 8.90 -27.81 15.67
C SER G 45 9.36 -28.62 16.89
N ASP G 46 10.65 -28.79 17.10
CA ASP G 46 11.14 -29.49 18.32
C ASP G 46 10.97 -28.66 19.60
N TYR G 47 11.17 -27.36 19.48
CA TYR G 47 11.07 -26.45 20.60
C TYR G 47 9.67 -25.83 20.81
N LEU G 48 8.69 -26.18 19.98
CA LEU G 48 7.38 -25.52 20.05
C LEU G 48 6.80 -25.56 21.44
N GLY G 49 6.63 -24.37 22.01
CA GLY G 49 5.99 -24.25 23.32
C GLY G 49 6.90 -24.43 24.51
N LYS G 50 8.19 -24.61 24.24
CA LYS G 50 9.18 -24.80 25.29
C LYS G 50 9.82 -23.51 25.72
N TRP G 51 10.23 -23.49 26.97
CA TRP G 51 10.90 -22.35 27.54
C TRP G 51 12.40 -22.60 27.54
N VAL G 52 13.15 -21.58 27.15
CA VAL G 52 14.58 -21.59 27.15
C VAL G 52 15.09 -20.30 27.85
N LYS G 53 16.25 -20.42 28.48
CA LYS G 53 16.92 -19.32 29.19
C LYS G 53 18.21 -19.02 28.45
N VAL G 54 18.33 -17.80 27.97
CA VAL G 54 19.48 -17.41 27.16
C VAL G 54 20.22 -16.18 27.69
N ARG G 55 21.55 -16.33 27.80
CA ARG G 55 22.49 -15.28 28.24
C ARG G 55 23.13 -14.61 27.01
N GLY G 56 23.21 -13.28 27.02
CA GLY G 56 23.81 -12.55 25.92
C GLY G 56 23.97 -11.08 26.26
N VAL G 57 24.61 -10.35 25.37
CA VAL G 57 24.78 -8.91 25.54
C VAL G 57 23.65 -8.20 24.80
N ILE G 58 22.92 -7.37 25.52
CA ILE G 58 21.84 -6.62 24.91
C ILE G 58 22.41 -5.55 23.97
N VAL G 59 21.90 -5.52 22.73
CA VAL G 59 22.35 -4.55 21.73
C VAL G 59 21.24 -3.58 21.35
N ASP G 60 19.99 -3.86 21.73
CA ASP G 60 18.90 -2.92 21.40
C ASP G 60 17.69 -3.21 22.25
N ILE G 61 17.04 -2.12 22.68
CA ILE G 61 15.84 -2.10 23.50
C ILE G 61 15.01 -1.02 22.85
N ARG G 62 13.71 -1.28 22.68
CA ARG G 62 12.89 -0.41 21.90
C ARG G 62 11.42 -0.64 22.20
N ARG G 63 10.68 0.46 22.32
CA ARG G 63 9.28 0.38 22.55
C ARG G 63 8.59 0.47 21.20
N LYS G 64 7.59 -0.37 20.96
CA LYS G 64 6.92 -0.35 19.68
C LYS G 64 5.43 -0.23 19.83
N SER G 65 4.83 0.50 18.90
CA SER G 65 3.38 0.65 18.78
C SER G 65 2.69 -0.66 18.47
N GLY G 66 1.64 -0.99 19.22
CA GLY G 66 0.90 -2.22 18.99
C GLY G 66 -0.43 -2.02 18.30
N ILE G 67 -1.12 -3.11 18.04
CA ILE G 67 -2.42 -3.06 17.36
C ILE G 67 -3.46 -3.12 18.47
N ALA G 68 -4.58 -2.43 18.29
CA ALA G 68 -5.68 -2.46 19.27
C ALA G 68 -5.27 -1.91 20.65
N GLY G 69 -4.81 -0.64 20.65
CA GLY G 69 -4.43 0.14 21.86
C GLY G 69 -3.16 -0.32 22.58
N SER G 70 -2.50 -1.35 22.09
CA SER G 70 -1.36 -1.82 22.81
C SER G 70 -0.02 -1.23 22.39
N TYR G 71 0.97 -1.58 23.19
CA TYR G 71 2.35 -1.31 22.88
C TYR G 71 3.12 -2.49 23.47
N TYR G 72 4.29 -2.74 22.92
CA TYR G 72 5.12 -3.82 23.39
C TYR G 72 6.57 -3.36 23.26
N PHE G 73 7.51 -4.21 23.62
CA PHE G 73 8.92 -3.90 23.49
C PHE G 73 9.66 -5.03 22.81
N ILE G 74 10.69 -4.70 22.06
CA ILE G 74 11.56 -5.68 21.47
C ILE G 74 12.95 -5.51 22.05
N VAL G 75 13.51 -6.61 22.53
CA VAL G 75 14.84 -6.61 23.13
C VAL G 75 15.67 -7.55 22.28
N THR G 76 16.75 -7.03 21.69
CA THR G 76 17.63 -7.76 20.80
C THR G 76 18.98 -8.04 21.52
N MSE G 77 19.47 -9.28 21.38
CA MSE G 77 20.61 -9.79 22.16
C MSE G 77 21.63 -10.44 21.26
O MSE G 77 21.25 -11.18 20.35
CB MSE G 77 20.02 -10.85 23.15
CG MSE G 77 21.03 -11.55 24.04
SE MSE G 77 20.32 -13.07 24.99
CE MSE G 77 19.55 -12.23 26.58
N ARG G 78 22.92 -10.20 21.50
CA ARG G 78 23.95 -10.81 20.70
C ARG G 78 24.70 -11.84 21.53
N ASP G 79 25.40 -12.74 20.84
CA ASP G 79 26.15 -13.77 21.53
C ASP G 79 27.23 -13.06 22.32
N GLU G 80 27.44 -13.54 23.54
CA GLU G 80 28.37 -12.91 24.46
C GLU G 80 29.81 -12.84 23.91
N GLN G 81 30.19 -13.84 23.12
CA GLN G 81 31.53 -13.88 22.55
C GLN G 81 31.48 -13.76 21.04
N ASN G 82 30.38 -13.28 20.49
CA ASN G 82 30.24 -13.16 19.03
C ASN G 82 30.49 -14.47 18.27
N LYS G 83 30.17 -15.60 18.91
CA LYS G 83 30.40 -16.90 18.27
C LYS G 83 29.48 -17.00 17.03
N THR G 84 28.43 -16.17 16.97
CA THR G 84 27.59 -16.01 15.76
C THR G 84 27.27 -14.52 15.60
N ASP G 85 26.92 -14.10 14.38
CA ASP G 85 26.50 -12.72 14.07
CA ASP G 85 26.52 -12.70 14.19
C ASP G 85 24.99 -12.56 14.22
N LYS G 86 24.27 -13.66 14.22
CA LYS G 86 22.82 -13.60 14.34
C LYS G 86 22.41 -13.08 15.73
N ARG G 87 21.40 -12.22 15.76
CA ARG G 87 20.89 -11.72 17.03
C ARG G 87 19.60 -12.44 17.35
N LEU G 88 19.34 -12.61 18.64
CA LEU G 88 18.08 -13.21 19.16
C LEU G 88 17.24 -12.06 19.70
N THR G 89 15.94 -12.04 19.42
CA THR G 89 15.10 -10.97 19.95
C THR G 89 14.00 -11.53 20.87
N PHE G 90 13.57 -10.71 21.82
CA PHE G 90 12.49 -11.08 22.71
C PHE G 90 11.39 -10.06 22.59
N ASN G 91 10.16 -10.54 22.71
CA ASN G 91 9.01 -9.66 22.63
C ASN G 91 8.31 -9.56 23.97
N PHE G 92 8.52 -8.44 24.67
CA PHE G 92 7.88 -8.19 25.97
C PHE G 92 6.59 -7.40 25.82
N GLY G 93 5.53 -7.86 26.51
CA GLY G 93 4.26 -7.16 26.50
C GLY G 93 4.31 -5.99 27.47
N SER G 94 3.34 -5.07 27.34
CA SER G 94 3.27 -3.85 28.14
C SER G 94 3.35 -4.12 29.64
N HIS G 95 2.74 -5.19 30.09
CA HIS G 95 2.73 -5.59 31.47
C HIS G 95 4.10 -5.86 32.06
N ASN G 96 5.09 -6.05 31.21
CA ASN G 96 6.40 -6.37 31.71
C ASN G 96 7.39 -5.27 31.41
N SER G 97 6.93 -4.04 31.54
CA SER G 97 7.82 -2.93 31.24
C SER G 97 8.86 -2.70 32.35
N ALA G 98 8.54 -3.04 33.60
CA ALA G 98 9.54 -2.89 34.68
C ALA G 98 10.82 -3.69 34.33
N ASP G 99 10.67 -4.91 33.84
CA ASP G 99 11.86 -5.66 33.43
C ASP G 99 12.62 -5.01 32.30
N VAL G 100 11.92 -4.50 31.29
CA VAL G 100 12.58 -3.93 30.13
C VAL G 100 13.31 -2.68 30.55
N GLU G 101 12.69 -1.87 31.41
CA GLU G 101 13.30 -0.64 31.87
C GLU G 101 14.57 -0.81 32.71
N ALA G 102 14.84 -2.02 33.19
CA ALA G 102 16.02 -2.25 34.01
C ALA G 102 17.16 -2.87 33.18
N LEU G 103 16.88 -3.20 31.92
CA LEU G 103 17.93 -3.64 31.01
C LEU G 103 18.82 -2.45 30.59
N SER G 104 19.91 -2.75 29.90
CA SER G 104 20.85 -1.75 29.48
C SER G 104 21.67 -2.20 28.26
N ASN G 105 21.69 -1.40 27.19
CA ASN G 105 22.45 -1.72 25.97
C ASN G 105 23.92 -1.77 26.30
N GLY G 106 24.59 -2.84 25.81
CA GLY G 106 25.99 -3.11 26.07
C GLY G 106 26.24 -3.98 27.29
N SER G 107 25.19 -4.27 28.05
CA SER G 107 25.32 -5.11 29.25
C SER G 107 24.78 -6.51 29.04
N VAL G 108 25.38 -7.47 29.72
CA VAL G 108 24.94 -8.86 29.70
C VAL G 108 23.61 -9.02 30.43
N ALA G 109 22.72 -9.83 29.89
CA ALA G 109 21.47 -10.14 30.58
C ALA G 109 21.12 -11.62 30.31
N THR G 110 20.28 -12.17 31.17
CA THR G 110 19.78 -13.51 31.05
C THR G 110 18.27 -13.40 31.06
N ILE G 111 17.63 -13.96 30.05
CA ILE G 111 16.16 -13.83 29.86
C ILE G 111 15.56 -15.16 29.48
N VAL G 112 14.50 -15.52 30.19
CA VAL G 112 13.73 -16.72 29.91
C VAL G 112 12.62 -16.35 28.94
N GLY G 113 12.40 -17.16 27.92
CA GLY G 113 11.30 -16.91 26.99
C GLY G 113 10.76 -18.21 26.44
N GLN G 114 9.58 -18.13 25.84
CA GLN G 114 8.95 -19.28 25.26
C GLN G 114 9.03 -19.24 23.72
N VAL G 115 9.27 -20.38 23.11
CA VAL G 115 9.33 -20.46 21.64
C VAL G 115 7.95 -20.71 21.05
N HIS G 116 7.54 -19.86 20.12
CA HIS G 116 6.29 -20.02 19.39
C HIS G 116 6.67 -20.32 17.95
N GLN G 117 5.66 -20.56 17.14
CA GLN G 117 5.90 -20.95 15.75
C GLN G 117 6.68 -19.89 15.02
N VAL G 118 7.80 -20.29 14.44
CA VAL G 118 8.65 -19.40 13.66
C VAL G 118 8.23 -19.44 12.18
N GLN G 119 7.67 -18.35 11.66
CA GLN G 119 7.32 -18.28 10.22
C GLN G 119 7.88 -16.98 9.63
N ASP G 120 8.07 -16.97 8.32
CA ASP G 120 8.56 -15.77 7.65
C ASP G 120 9.88 -15.27 8.24
N SER G 121 10.62 -16.18 8.85
CA SER G 121 11.90 -15.88 9.46
CA SER G 121 11.89 -15.88 9.46
C SER G 121 12.58 -17.20 9.74
N THR G 122 13.86 -17.14 10.07
CA THR G 122 14.64 -18.31 10.41
C THR G 122 15.09 -18.29 11.84
N ILE G 123 14.91 -17.16 12.52
CA ILE G 123 15.29 -16.97 13.91
C ILE G 123 14.05 -16.67 14.68
N PRO G 124 13.87 -17.31 15.84
CA PRO G 124 12.68 -17.05 16.58
C PRO G 124 12.75 -15.77 17.42
N THR G 125 11.60 -15.13 17.62
CA THR G 125 11.48 -14.05 18.56
C THR G 125 10.80 -14.74 19.75
N LEU G 126 11.46 -14.78 20.87
CA LEU G 126 10.94 -15.48 22.06
C LEU G 126 9.82 -14.66 22.69
N GLN G 127 8.83 -15.34 23.25
CA GLN G 127 7.60 -14.71 23.73
C GLN G 127 7.41 -14.87 25.23
N ASN G 128 6.46 -14.13 25.79
CA ASN G 128 6.16 -14.17 27.21
CA ASN G 128 6.16 -14.11 27.23
C ASN G 128 7.45 -14.23 28.03
N PRO G 129 8.38 -13.29 27.82
CA PRO G 129 9.64 -13.40 28.52
C PRO G 129 9.73 -12.86 29.93
N LYS G 130 10.81 -13.22 30.60
CA LYS G 130 11.08 -12.80 31.96
C LYS G 130 12.62 -12.64 32.13
N VAL G 131 13.05 -11.46 32.58
CA VAL G 131 14.47 -11.21 32.82
C VAL G 131 14.87 -11.90 34.11
N VAL G 132 15.90 -12.72 34.07
CA VAL G 132 16.37 -13.44 35.24
C VAL G 132 17.32 -12.52 35.99
N LYS G 133 16.85 -12.04 37.14
CA LYS G 133 17.52 -11.02 38.00
C LYS G 133 17.84 -11.60 39.40
N PRO H 16 4.53 -39.60 -8.65
CA PRO H 16 5.86 -40.13 -9.02
C PRO H 16 6.39 -41.16 -8.03
N GLY H 17 6.16 -42.44 -8.33
CA GLY H 17 6.57 -43.55 -7.48
C GLY H 17 8.08 -43.82 -7.44
N ASP H 18 8.52 -44.43 -6.34
CA ASP H 18 9.95 -44.76 -6.07
C ASP H 18 10.72 -45.45 -7.24
N ASP H 19 10.10 -46.40 -7.93
CA ASP H 19 10.76 -47.06 -9.09
C ASP H 19 11.02 -46.05 -10.20
N ALA H 20 10.05 -45.16 -10.40
CA ALA H 20 10.16 -44.12 -11.42
C ALA H 20 11.26 -43.11 -11.06
N VAL H 21 11.42 -42.85 -9.76
CA VAL H 21 12.42 -41.88 -9.25
C VAL H 21 13.83 -42.40 -9.49
N ALA H 22 14.09 -43.62 -9.04
CA ALA H 22 15.40 -44.25 -9.26
C ALA H 22 15.83 -44.11 -10.72
N SER H 23 14.88 -44.23 -11.64
CA SER H 23 15.15 -44.21 -13.08
C SER H 23 15.47 -42.86 -13.72
N MSE H 24 15.16 -41.77 -13.03
CA MSE H 24 15.42 -40.44 -13.56
C MSE H 24 16.91 -40.08 -13.41
O MSE H 24 17.58 -40.48 -12.44
CB MSE H 24 14.56 -39.42 -12.80
CG MSE H 24 13.05 -39.68 -12.78
SE MSE H 24 12.06 -38.46 -11.56
CE MSE H 24 12.40 -36.81 -12.46
N GLN H 25 17.44 -39.34 -14.38
CA GLN H 25 18.81 -38.85 -14.29
C GLN H 25 18.81 -37.80 -13.17
N THR H 26 19.95 -37.58 -12.54
CA THR H 26 20.06 -36.56 -11.52
C THR H 26 20.76 -35.34 -12.15
N TYR H 27 20.05 -34.21 -12.21
CA TYR H 27 20.63 -32.97 -12.69
C TYR H 27 21.35 -32.31 -11.51
N SER H 28 22.35 -31.51 -11.82
CA SER H 28 22.93 -30.60 -10.86
C SER H 28 22.12 -29.31 -11.08
N VAL H 29 22.22 -28.35 -10.16
CA VAL H 29 21.55 -27.07 -10.30
C VAL H 29 22.03 -26.38 -11.57
N ALA H 30 23.34 -26.36 -11.81
CA ALA H 30 23.87 -25.74 -13.02
C ALA H 30 23.27 -26.38 -14.27
N GLN H 31 23.20 -27.72 -14.29
CA GLN H 31 22.64 -28.43 -15.48
C GLN H 31 21.20 -28.07 -15.76
N PHE H 32 20.38 -28.15 -14.74
CA PHE H 32 18.96 -27.87 -14.89
C PHE H 32 18.69 -26.42 -15.29
N LEU H 33 19.42 -25.48 -14.70
CA LEU H 33 19.20 -24.07 -14.98
C LEU H 33 19.77 -23.55 -16.28
N GLN H 34 20.68 -24.30 -16.90
CA GLN H 34 21.34 -23.84 -18.12
C GLN H 34 20.36 -23.38 -19.21
N PRO H 35 19.35 -24.19 -19.53
CA PRO H 35 18.46 -23.75 -20.60
C PRO H 35 17.70 -22.48 -20.20
N PHE H 36 17.39 -22.33 -18.90
CA PHE H 36 16.70 -21.15 -18.41
C PHE H 36 17.55 -19.89 -18.49
N THR H 37 18.87 -20.06 -18.50
CA THR H 37 19.79 -18.96 -18.62
C THR H 37 19.84 -18.53 -20.09
N LEU H 38 19.66 -19.47 -21.01
CA LEU H 38 19.61 -19.14 -22.45
C LEU H 38 18.26 -18.49 -22.83
N ASN H 39 17.16 -19.14 -22.50
CA ASN H 39 15.82 -18.64 -22.78
C ASN H 39 14.83 -19.26 -21.80
N PRO H 40 14.47 -18.51 -20.74
CA PRO H 40 13.55 -19.05 -19.75
C PRO H 40 12.12 -19.20 -20.24
N ALA H 41 11.75 -18.50 -21.31
CA ALA H 41 10.41 -18.71 -21.86
C ALA H 41 10.35 -20.07 -22.61
N LYS H 42 11.34 -20.35 -23.45
CA LYS H 42 11.45 -21.60 -24.17
C LYS H 42 11.60 -22.79 -23.21
N ALA H 43 12.52 -22.67 -22.26
CA ALA H 43 12.79 -23.73 -21.30
C ALA H 43 11.56 -24.06 -20.47
N SER H 44 10.86 -23.03 -20.00
CA SER H 44 9.64 -23.21 -19.21
C SER H 44 8.57 -23.94 -20.01
N SER H 45 8.44 -23.55 -21.26
CA SER H 45 7.48 -24.16 -22.14
C SER H 45 7.88 -25.63 -22.41
N ASP H 46 9.16 -25.90 -22.66
CA ASP H 46 9.63 -27.28 -22.91
C ASP H 46 9.47 -28.19 -21.70
N TYR H 47 9.74 -27.67 -20.51
CA TYR H 47 9.67 -28.46 -19.26
C TYR H 47 8.31 -28.42 -18.57
N LEU H 48 7.36 -27.67 -19.11
CA LEU H 48 6.08 -27.48 -18.41
C LEU H 48 5.45 -28.83 -18.06
N GLY H 49 5.14 -28.99 -16.78
CA GLY H 49 4.51 -30.20 -16.27
C GLY H 49 5.44 -31.38 -16.06
N LYS H 50 6.71 -31.24 -16.40
CA LYS H 50 7.63 -32.35 -16.23
C LYS H 50 8.28 -32.31 -14.87
N TRP H 51 8.76 -33.47 -14.48
CA TRP H 51 9.40 -33.71 -13.22
C TRP H 51 10.89 -33.81 -13.44
N VAL H 52 11.65 -33.30 -12.47
CA VAL H 52 13.10 -33.34 -12.52
C VAL H 52 13.61 -33.67 -11.12
N LYS H 53 14.72 -34.36 -11.08
CA LYS H 53 15.37 -34.81 -9.86
C LYS H 53 16.71 -34.08 -9.89
N VAL H 54 16.82 -33.10 -8.99
CA VAL H 54 17.97 -32.24 -8.90
C VAL H 54 18.69 -32.42 -7.56
N ARG H 55 20.03 -32.48 -7.62
CA ARG H 55 20.87 -32.62 -6.44
C ARG H 55 21.77 -31.40 -6.20
N GLY H 56 21.85 -30.96 -4.96
CA GLY H 56 22.72 -29.82 -4.57
C GLY H 56 22.78 -29.56 -3.08
N VAL H 57 23.50 -28.51 -2.68
CA VAL H 57 23.65 -28.20 -1.27
C VAL H 57 22.53 -27.28 -0.85
N ILE H 58 21.80 -27.68 0.19
CA ILE H 58 20.70 -26.87 0.69
C ILE H 58 21.32 -25.67 1.39
N VAL H 59 20.85 -24.46 1.06
CA VAL H 59 21.39 -23.24 1.69
C VAL H 59 20.37 -22.50 2.54
N ASP H 60 19.08 -22.70 2.26
CA ASP H 60 18.06 -22.11 3.12
C ASP H 60 16.83 -22.99 3.19
N ILE H 61 16.21 -23.00 4.37
CA ILE H 61 14.98 -23.73 4.66
C ILE H 61 14.15 -22.76 5.47
N ARG H 62 12.88 -22.67 5.19
CA ARG H 62 12.10 -21.63 5.79
C ARG H 62 10.61 -21.91 5.74
N ARG H 63 9.95 -21.73 6.86
CA ARG H 63 8.51 -21.87 6.91
C ARG H 63 7.93 -20.49 6.62
N LYS H 64 6.90 -20.47 5.80
CA LYS H 64 6.26 -19.24 5.34
C LYS H 64 4.76 -19.27 5.62
N SER H 65 4.20 -18.11 5.94
CA SER H 65 2.74 -17.95 6.11
C SER H 65 2.06 -18.04 4.78
N GLY H 66 0.92 -18.71 4.76
CA GLY H 66 0.12 -18.87 3.54
C GLY H 66 -1.18 -18.10 3.60
N ILE H 67 -1.94 -18.20 2.51
CA ILE H 67 -3.27 -17.60 2.45
C ILE H 67 -4.26 -18.72 2.77
N ALA H 68 -5.48 -18.32 3.10
CA ALA H 68 -6.55 -19.29 3.39
C ALA H 68 -6.12 -20.33 4.45
N GLY H 69 -5.64 -19.80 5.61
CA GLY H 69 -5.26 -20.58 6.79
C GLY H 69 -4.12 -21.59 6.65
N SER H 70 -3.23 -21.40 5.69
CA SER H 70 -2.18 -22.37 5.46
C SER H 70 -0.80 -21.82 5.68
N TYR H 71 0.18 -22.71 5.58
CA TYR H 71 1.57 -22.33 5.61
C TYR H 71 2.26 -23.25 4.63
N TYR H 72 3.50 -22.91 4.25
CA TYR H 72 4.24 -23.71 3.29
C TYR H 72 5.74 -23.53 3.55
N PHE H 73 6.60 -24.28 2.88
CA PHE H 73 8.03 -24.12 3.07
C PHE H 73 8.72 -23.81 1.77
N ILE H 74 9.79 -23.01 1.83
CA ILE H 74 10.64 -22.72 0.69
C ILE H 74 12.01 -23.30 1.04
N VAL H 75 12.51 -24.17 0.17
CA VAL H 75 13.80 -24.77 0.34
C VAL H 75 14.66 -24.31 -0.83
N THR H 76 15.82 -23.70 -0.54
CA THR H 76 16.74 -23.17 -1.55
C THR H 76 18.02 -24.05 -1.62
N MSE H 77 18.50 -24.26 -2.85
CA MSE H 77 19.61 -25.15 -3.14
C MSE H 77 20.61 -24.46 -4.04
O MSE H 77 20.21 -23.72 -4.95
CB MSE H 77 19.02 -26.37 -3.87
CG MSE H 77 19.99 -27.41 -4.33
SE MSE H 77 19.11 -28.82 -5.37
CE MSE H 77 18.41 -29.91 -3.87
N ARG H 78 21.91 -24.67 -3.81
CA ARG H 78 22.93 -24.11 -4.72
C ARG H 78 23.60 -25.27 -5.40
N ASP H 79 24.23 -24.99 -6.54
CA ASP H 79 25.00 -25.99 -7.25
C ASP H 79 26.07 -26.54 -6.28
N GLU H 80 26.24 -27.84 -6.27
CA GLU H 80 27.19 -28.49 -5.38
C GLU H 80 28.63 -28.09 -5.63
N GLN H 81 28.93 -27.73 -6.87
CA GLN H 81 30.27 -27.30 -7.21
C GLN H 81 30.34 -25.86 -7.65
N ASN H 82 29.28 -25.11 -7.37
CA ASN H 82 29.22 -23.69 -7.72
C ASN H 82 29.47 -23.44 -9.19
N LYS H 83 29.03 -24.35 -10.06
CA LYS H 83 29.15 -24.10 -11.51
C LYS H 83 28.23 -22.94 -11.94
N THR H 84 27.30 -22.54 -11.08
CA THR H 84 26.43 -21.37 -11.32
C THR H 84 26.16 -20.78 -9.96
N ASP H 85 25.89 -19.48 -9.91
CA ASP H 85 25.60 -18.83 -8.61
C ASP H 85 24.09 -18.65 -8.40
N LYS H 86 23.31 -19.11 -9.37
CA LYS H 86 21.86 -19.06 -9.28
C LYS H 86 21.40 -20.19 -8.38
N ARG H 87 20.37 -19.92 -7.57
CA ARG H 87 19.82 -20.90 -6.66
CA ARG H 87 19.83 -20.92 -6.67
C ARG H 87 18.47 -21.42 -7.18
N LEU H 88 18.16 -22.67 -6.87
CA LEU H 88 16.92 -23.32 -7.24
C LEU H 88 16.08 -23.36 -5.97
N THR H 89 14.81 -23.00 -6.05
CA THR H 89 13.96 -23.04 -4.88
C THR H 89 12.92 -24.12 -5.09
N PHE H 90 12.43 -24.69 -3.99
CA PHE H 90 11.40 -25.73 -3.97
C PHE H 90 10.31 -25.24 -3.02
N ASN H 91 9.07 -25.48 -3.40
CA ASN H 91 7.95 -25.07 -2.59
C ASN H 91 7.23 -26.28 -2.05
N PHE H 92 7.43 -26.58 -0.77
CA PHE H 92 6.74 -27.69 -0.14
C PHE H 92 5.46 -27.26 0.58
N GLY H 93 4.39 -28.03 0.47
CA GLY H 93 3.16 -27.73 1.19
C GLY H 93 3.24 -28.28 2.61
N SER H 94 2.33 -27.86 3.48
CA SER H 94 2.35 -28.29 4.87
C SER H 94 2.26 -29.81 5.00
N HIS H 95 1.62 -30.44 4.03
CA HIS H 95 1.48 -31.89 4.01
C HIS H 95 2.83 -32.60 3.90
N ASN H 96 3.87 -31.91 3.48
CA ASN H 96 5.14 -32.59 3.32
C ASN H 96 6.21 -32.02 4.23
N SER H 97 5.82 -31.68 5.45
CA SER H 97 6.76 -31.10 6.41
C SER H 97 7.75 -32.11 6.99
N ALA H 98 7.45 -33.40 6.86
CA ALA H 98 8.36 -34.42 7.34
C ALA H 98 9.61 -34.35 6.49
N ASP H 99 9.44 -34.15 5.19
CA ASP H 99 10.58 -34.04 4.29
C ASP H 99 11.41 -32.79 4.58
N VAL H 100 10.77 -31.68 4.85
CA VAL H 100 11.49 -30.42 5.07
C VAL H 100 12.26 -30.51 6.37
N GLU H 101 11.62 -31.10 7.37
CA GLU H 101 12.26 -31.29 8.67
C GLU H 101 13.46 -32.23 8.69
N ALA H 102 13.62 -33.02 7.64
CA ALA H 102 14.75 -33.97 7.53
C ALA H 102 15.94 -33.33 6.84
N LEU H 103 15.74 -32.20 6.18
CA LEU H 103 16.85 -31.54 5.52
C LEU H 103 17.77 -30.80 6.50
N SER H 104 18.85 -30.23 5.96
CA SER H 104 19.82 -29.53 6.78
C SER H 104 20.69 -28.52 5.99
N ASN H 105 20.65 -27.26 6.37
CA ASN H 105 21.48 -26.26 5.69
C ASN H 105 22.93 -26.69 5.75
N GLY H 106 23.58 -26.71 4.59
CA GLY H 106 24.97 -27.10 4.52
C GLY H 106 25.20 -28.51 4.02
N SER H 107 24.12 -29.24 3.80
CA SER H 107 24.17 -30.61 3.35
C SER H 107 23.53 -30.81 1.98
N VAL H 108 24.08 -31.76 1.27
CA VAL H 108 23.61 -32.14 -0.03
C VAL H 108 22.29 -32.91 0.13
N ALA H 109 21.35 -32.71 -0.78
CA ALA H 109 20.12 -33.47 -0.81
C ALA H 109 19.73 -33.57 -2.28
N THR H 110 18.89 -34.55 -2.59
CA THR H 110 18.41 -34.80 -3.94
C THR H 110 16.90 -34.62 -3.81
N ILE H 111 16.30 -33.77 -4.65
CA ILE H 111 14.88 -33.53 -4.54
C ILE H 111 14.23 -33.61 -5.90
N VAL H 112 13.10 -34.31 -5.97
CA VAL H 112 12.29 -34.41 -7.18
C VAL H 112 11.19 -33.34 -7.09
N GLY H 113 10.92 -32.66 -8.20
CA GLY H 113 9.94 -31.59 -8.26
C GLY H 113 9.39 -31.40 -9.67
N GLN H 114 8.26 -30.71 -9.76
CA GLN H 114 7.58 -30.53 -11.02
C GLN H 114 7.67 -29.09 -11.47
N VAL H 115 7.82 -28.87 -12.77
CA VAL H 115 7.95 -27.52 -13.28
C VAL H 115 6.58 -27.02 -13.65
N HIS H 116 6.19 -25.91 -13.03
CA HIS H 116 4.93 -25.24 -13.32
C HIS H 116 5.31 -24.01 -14.11
N GLN H 117 4.35 -23.21 -14.56
CA GLN H 117 4.67 -22.03 -15.38
C GLN H 117 5.63 -21.07 -14.64
N VAL H 118 6.69 -20.66 -15.33
CA VAL H 118 7.66 -19.70 -14.79
C VAL H 118 7.33 -18.27 -15.24
N GLN H 119 6.93 -17.40 -14.32
CA GLN H 119 6.63 -16.01 -14.63
C GLN H 119 7.24 -15.03 -13.60
N ASP H 120 7.46 -13.79 -14.03
CA ASP H 120 8.03 -12.77 -13.16
C ASP H 120 9.30 -13.29 -12.54
N SER H 121 10.02 -14.10 -13.30
CA SER H 121 11.26 -14.70 -12.86
C SER H 121 11.89 -15.40 -14.04
N THR H 122 13.17 -15.70 -13.95
CA THR H 122 13.83 -16.48 -14.99
C THR H 122 14.22 -17.84 -14.45
N ILE H 123 13.90 -18.11 -13.18
CA ILE H 123 14.21 -19.40 -12.56
C ILE H 123 12.96 -20.02 -11.99
N PRO H 124 12.75 -21.30 -12.26
CA PRO H 124 11.53 -21.88 -11.71
C PRO H 124 11.66 -22.17 -10.22
N THR H 125 10.51 -22.29 -9.57
CA THR H 125 10.43 -22.75 -8.19
C THR H 125 9.71 -24.06 -8.39
N LEU H 126 10.38 -25.14 -8.06
CA LEU H 126 9.80 -26.44 -8.32
C LEU H 126 8.67 -26.73 -7.34
N GLN H 127 7.61 -27.40 -7.84
CA GLN H 127 6.42 -27.69 -7.06
C GLN H 127 6.19 -29.17 -6.72
N ASN H 128 5.24 -29.40 -5.79
CA ASN H 128 4.89 -30.75 -5.34
CA ASN H 128 4.90 -30.75 -5.25
C ASN H 128 6.14 -31.63 -5.14
N PRO H 129 7.16 -31.14 -4.41
CA PRO H 129 8.40 -31.91 -4.28
C PRO H 129 8.47 -33.05 -3.31
N LYS H 130 9.47 -33.90 -3.50
CA LYS H 130 9.71 -35.05 -2.62
C LYS H 130 11.21 -35.18 -2.47
N VAL H 131 11.66 -35.31 -1.22
CA VAL H 131 13.06 -35.52 -0.93
C VAL H 131 13.36 -37.00 -1.19
N VAL H 132 14.38 -37.27 -1.99
CA VAL H 132 14.83 -38.63 -2.26
C VAL H 132 15.98 -38.87 -1.31
N LYS H 133 15.92 -39.94 -0.50
CA LYS H 133 16.95 -40.21 0.55
C LYS H 133 17.36 -41.67 0.71
N ASP I 18 6.81 -7.75 -44.28
CA ASP I 18 7.60 -8.67 -45.19
C ASP I 18 8.50 -7.82 -46.13
N ASP I 19 7.96 -7.37 -47.27
CA ASP I 19 8.72 -6.54 -48.22
C ASP I 19 9.07 -5.15 -47.65
N ALA I 20 8.20 -4.63 -46.77
CA ALA I 20 8.40 -3.32 -46.14
C ALA I 20 9.49 -3.31 -45.05
N VAL I 21 9.63 -4.43 -44.34
CA VAL I 21 10.63 -4.58 -43.28
C VAL I 21 12.04 -4.64 -43.86
N ALA I 22 12.19 -5.35 -44.99
CA ALA I 22 13.47 -5.50 -45.66
C ALA I 22 14.04 -4.16 -46.16
N SER I 23 13.16 -3.29 -46.65
CA SER I 23 13.59 -1.99 -47.19
C SER I 23 13.91 -0.98 -46.09
N MSE I 24 13.38 -1.27 -44.90
CA MSE I 24 13.54 -0.47 -43.69
C MSE I 24 15.02 -0.43 -43.27
O MSE I 24 15.72 -1.46 -43.33
CB MSE I 24 12.71 -1.16 -42.60
CG MSE I 24 12.02 -0.33 -41.58
SE MSE I 24 10.53 -1.42 -40.76
CE MSE I 24 9.14 -0.85 -42.17
N GLN I 25 15.49 0.76 -42.88
CA GLN I 25 16.88 0.96 -42.41
C GLN I 25 17.00 0.31 -41.03
N THR I 26 18.19 -0.15 -40.66
CA THR I 26 18.44 -0.83 -39.38
C THR I 26 19.25 0.03 -38.41
N TYR I 27 18.66 0.40 -37.28
CA TYR I 27 19.34 1.20 -36.27
C TYR I 27 20.12 0.27 -35.33
N SER I 28 21.23 0.73 -34.79
CA SER I 28 21.86 0.02 -33.69
C SER I 28 21.10 0.52 -32.45
N VAL I 29 21.35 -0.05 -31.28
CA VAL I 29 20.68 0.41 -30.09
C VAL I 29 21.17 1.82 -29.77
N ALA I 30 22.48 2.01 -29.87
CA ALA I 30 23.04 3.34 -29.60
C ALA I 30 22.34 4.35 -30.51
N GLN I 31 22.31 4.08 -31.80
CA GLN I 31 21.69 5.02 -32.75
C GLN I 31 20.26 5.33 -32.38
N PHE I 32 19.46 4.31 -32.11
CA PHE I 32 18.05 4.54 -31.80
C PHE I 32 17.77 5.32 -30.49
N LEU I 33 18.60 5.13 -29.47
CA LEU I 33 18.39 5.79 -28.19
C LEU I 33 18.92 7.21 -28.18
N GLN I 34 19.80 7.51 -29.12
CA GLN I 34 20.44 8.80 -29.15
C GLN I 34 19.46 9.98 -28.98
N PRO I 35 18.36 10.04 -29.77
CA PRO I 35 17.43 11.18 -29.58
C PRO I 35 16.74 11.23 -28.23
N PHE I 36 16.56 10.04 -27.64
CA PHE I 36 15.94 9.93 -26.33
C PHE I 36 16.88 10.45 -25.27
N THR I 37 18.17 10.26 -25.51
CA THR I 37 19.19 10.79 -24.63
C THR I 37 19.17 12.32 -24.65
N LEU I 38 18.93 12.91 -25.82
CA LEU I 38 18.93 14.37 -25.96
C LEU I 38 17.69 15.02 -25.32
N ASN I 39 16.53 14.47 -25.62
CA ASN I 39 15.29 14.94 -25.06
C ASN I 39 14.23 13.88 -25.33
N PRO I 40 13.88 13.08 -24.31
CA PRO I 40 12.91 12.03 -24.52
C PRO I 40 11.51 12.53 -24.80
N ALA I 41 11.16 13.73 -24.37
CA ALA I 41 9.82 14.27 -24.66
C ALA I 41 9.77 14.54 -26.16
N LYS I 42 10.83 15.17 -26.65
CA LYS I 42 10.98 15.42 -28.07
C LYS I 42 11.01 14.10 -28.84
N ALA I 43 11.85 13.18 -28.45
CA ALA I 43 12.02 11.96 -29.22
C ALA I 43 10.70 11.18 -29.28
N SER I 44 10.04 11.04 -28.14
CA SER I 44 8.80 10.35 -28.08
C SER I 44 7.75 10.98 -28.98
N SER I 45 7.76 12.30 -29.05
CA SER I 45 6.80 12.98 -29.89
C SER I 45 7.14 12.86 -31.39
N ASP I 46 8.40 12.79 -31.75
CA ASP I 46 8.78 12.64 -33.18
C ASP I 46 8.53 11.22 -33.68
N TYR I 47 8.74 10.23 -32.82
CA TYR I 47 8.58 8.79 -33.13
C TYR I 47 7.20 8.19 -32.76
N LEU I 48 6.35 8.95 -32.11
CA LEU I 48 5.05 8.43 -31.68
C LEU I 48 4.33 7.71 -32.83
N GLY I 49 4.01 6.45 -32.59
CA GLY I 49 3.32 5.63 -33.58
C GLY I 49 4.19 5.06 -34.68
N LYS I 50 5.46 5.47 -34.78
CA LYS I 50 6.35 5.02 -35.86
C LYS I 50 6.99 3.67 -35.56
N TRP I 51 7.49 3.01 -36.58
CA TRP I 51 8.14 1.70 -36.46
C TRP I 51 9.61 1.84 -36.76
N VAL I 52 10.42 1.12 -36.00
CA VAL I 52 11.87 1.12 -36.13
C VAL I 52 12.35 -0.34 -36.10
N LYS I 53 13.41 -0.64 -36.84
CA LYS I 53 14.00 -1.96 -36.89
C LYS I 53 15.32 -1.82 -36.19
N VAL I 54 15.45 -2.45 -35.03
CA VAL I 54 16.66 -2.32 -34.23
C VAL I 54 17.40 -3.63 -34.10
N ARG I 55 18.71 -3.57 -34.29
CA ARG I 55 19.58 -4.74 -34.21
C ARG I 55 20.43 -4.66 -32.95
N GLY I 56 20.56 -5.78 -32.24
CA GLY I 56 21.39 -5.84 -31.03
C GLY I 56 21.52 -7.22 -30.44
N VAL I 57 22.25 -7.32 -29.32
CA VAL I 57 22.43 -8.58 -28.62
C VAL I 57 21.40 -8.66 -27.51
N ILE I 58 20.59 -9.71 -27.53
CA ILE I 58 19.61 -9.94 -26.50
C ILE I 58 20.35 -10.32 -25.22
N VAL I 59 20.00 -9.68 -24.11
CA VAL I 59 20.61 -9.96 -22.80
C VAL I 59 19.62 -10.44 -21.74
N ASP I 60 18.32 -10.38 -22.03
CA ASP I 60 17.33 -10.90 -21.08
C ASP I 60 16.00 -11.13 -21.76
N ILE I 61 15.44 -12.30 -21.46
CA ILE I 61 14.14 -12.74 -21.96
C ILE I 61 13.36 -13.13 -20.72
N ARG I 62 12.09 -12.75 -20.67
CA ARG I 62 11.36 -12.94 -19.43
C ARG I 62 9.86 -12.91 -19.63
N ARG I 63 9.19 -13.91 -19.10
CA ARG I 63 7.75 -14.01 -19.14
C ARG I 63 7.24 -13.29 -17.91
N LYS I 64 6.24 -12.44 -18.07
CA LYS I 64 5.68 -11.62 -16.98
C LYS I 64 4.17 -11.82 -16.85
N SER I 65 3.66 -11.82 -15.62
CA SER I 65 2.21 -11.92 -15.35
C SER I 65 1.53 -10.64 -15.76
N GLY I 66 0.39 -10.75 -16.41
CA GLY I 66 -0.34 -9.56 -16.86
C GLY I 66 -1.62 -9.30 -16.11
N ILE I 67 -2.27 -8.20 -16.47
CA ILE I 67 -3.54 -7.84 -15.84
C ILE I 67 -4.66 -8.52 -16.65
N ALA I 68 -5.83 -8.65 -16.02
CA ALA I 68 -7.00 -9.29 -16.63
C ALA I 68 -6.74 -10.65 -17.36
N GLY I 69 -6.18 -11.61 -16.61
CA GLY I 69 -5.93 -12.99 -17.08
C GLY I 69 -4.82 -13.19 -18.11
N SER I 70 -4.06 -12.14 -18.45
CA SER I 70 -3.07 -12.28 -19.51
C SER I 70 -1.61 -12.47 -19.04
N TYR I 71 -0.74 -12.74 -19.98
CA TYR I 71 0.70 -12.74 -19.75
C TYR I 71 1.38 -12.06 -20.96
N TYR I 72 2.64 -11.70 -20.78
CA TYR I 72 3.40 -11.08 -21.85
C TYR I 72 4.90 -11.34 -21.62
N PHE I 73 5.76 -10.96 -22.57
CA PHE I 73 7.19 -11.10 -22.38
C PHE I 73 7.93 -9.79 -22.60
N ILE I 74 9.00 -9.60 -21.83
CA ILE I 74 9.93 -8.47 -21.95
C ILE I 74 11.24 -9.04 -22.44
N VAL I 75 11.69 -8.53 -23.57
CA VAL I 75 12.95 -8.92 -24.18
C VAL I 75 13.82 -7.68 -24.13
N THR I 76 15.00 -7.80 -23.54
CA THR I 76 15.89 -6.65 -23.40
C THR I 76 17.12 -6.86 -24.27
N MSE I 77 17.53 -5.78 -24.95
CA MSE I 77 18.61 -5.79 -25.92
C MSE I 77 19.68 -4.72 -25.63
O MSE I 77 19.34 -3.61 -25.24
CB MSE I 77 17.96 -5.50 -27.28
CG MSE I 77 18.88 -5.34 -28.43
SE MSE I 77 17.99 -4.77 -30.05
CE MSE I 77 16.98 -6.32 -30.47
N ARG I 78 20.96 -5.05 -25.84
CA ARG I 78 22.05 -4.06 -25.68
C ARG I 78 22.70 -3.74 -27.04
N ASP I 79 23.42 -2.61 -27.11
CA ASP I 79 24.11 -2.21 -28.33
C ASP I 79 25.15 -3.28 -28.63
N GLU I 80 25.20 -3.70 -29.88
CA GLU I 80 26.09 -4.77 -30.34
C GLU I 80 27.58 -4.50 -30.02
N GLN I 81 28.02 -3.24 -30.10
CA GLN I 81 29.41 -2.93 -29.77
C GLN I 81 29.51 -2.02 -28.55
N ASN I 82 28.63 -2.27 -27.58
CA ASN I 82 28.53 -1.51 -26.31
C ASN I 82 28.76 -0.01 -26.42
N LYS I 83 28.34 0.60 -27.53
CA LYS I 83 28.55 2.04 -27.71
C LYS I 83 27.66 2.87 -26.76
N THR I 84 26.72 2.20 -26.07
CA THR I 84 25.89 2.82 -25.02
C THR I 84 25.70 1.78 -23.91
N ASP I 85 25.55 2.26 -22.67
CA ASP I 85 25.31 1.38 -21.52
C ASP I 85 23.80 1.15 -21.37
N LYS I 86 23.00 1.93 -22.06
CA LYS I 86 21.56 1.81 -21.95
C LYS I 86 21.05 0.63 -22.75
N ARG I 87 19.98 0.01 -22.25
CA ARG I 87 19.33 -1.13 -22.86
C ARG I 87 18.01 -0.73 -23.50
N LEU I 88 17.62 -1.43 -24.56
CA LEU I 88 16.32 -1.19 -25.19
C LEU I 88 15.44 -2.37 -24.86
N THR I 89 14.20 -2.13 -24.46
CA THR I 89 13.31 -3.25 -24.15
C THR I 89 12.16 -3.31 -25.16
N PHE I 90 11.61 -4.49 -25.31
CA PHE I 90 10.51 -4.79 -26.20
C PHE I 90 9.45 -5.53 -25.39
N ASN I 91 8.19 -5.28 -25.67
CA ASN I 91 7.10 -5.94 -24.98
C ASN I 91 6.31 -6.77 -25.97
N PHE I 92 6.42 -8.08 -25.84
CA PHE I 92 5.69 -9.00 -26.72
C PHE I 92 4.46 -9.52 -26.02
N GLY I 93 3.33 -9.40 -26.66
CA GLY I 93 2.13 -10.00 -26.13
C GLY I 93 2.19 -11.52 -26.27
N SER I 94 1.24 -12.20 -25.61
CA SER I 94 1.16 -13.66 -25.56
C SER I 94 1.08 -14.33 -26.91
N HIS I 95 0.40 -13.66 -27.84
CA HIS I 95 0.18 -14.15 -29.22
C HIS I 95 1.44 -14.29 -30.06
N ASN I 96 2.55 -13.78 -29.56
CA ASN I 96 3.79 -13.82 -30.27
C ASN I 96 4.84 -14.59 -29.51
N SER I 97 4.42 -15.58 -28.73
CA SER I 97 5.37 -16.34 -27.94
C SER I 97 6.40 -17.10 -28.76
N ALA I 98 6.00 -17.54 -29.95
CA ALA I 98 6.91 -18.26 -30.84
C ALA I 98 8.13 -17.38 -31.18
N ASP I 99 7.94 -16.10 -31.46
CA ASP I 99 9.10 -15.26 -31.75
C ASP I 99 10.03 -15.25 -30.55
N VAL I 100 9.47 -15.04 -29.37
CA VAL I 100 10.26 -14.94 -28.14
C VAL I 100 10.96 -16.27 -27.79
N GLU I 101 10.28 -17.39 -28.05
CA GLU I 101 10.84 -18.71 -27.75
C GLU I 101 12.01 -19.12 -28.63
N ALA I 102 12.20 -18.39 -29.73
CA ALA I 102 13.26 -18.66 -30.69
C ALA I 102 14.51 -17.86 -30.35
N LEU I 103 14.33 -16.75 -29.65
CA LEU I 103 15.45 -15.90 -29.27
C LEU I 103 16.36 -16.57 -28.26
N SER I 104 17.55 -16.02 -28.08
CA SER I 104 18.53 -16.62 -27.18
C SER I 104 19.45 -15.55 -26.51
N ASN I 105 19.52 -15.55 -25.17
CA ASN I 105 20.44 -14.62 -24.46
C ASN I 105 21.87 -14.78 -24.93
N GLY I 106 22.47 -13.67 -25.32
CA GLY I 106 23.86 -13.65 -25.82
C GLY I 106 23.95 -13.61 -27.34
N SER I 107 22.81 -13.73 -28.02
CA SER I 107 22.80 -13.78 -29.47
C SER I 107 22.23 -12.50 -30.11
N VAL I 108 22.73 -12.18 -31.29
CA VAL I 108 22.24 -11.03 -32.03
C VAL I 108 20.83 -11.30 -32.56
N ALA I 109 19.97 -10.29 -32.50
CA ALA I 109 18.64 -10.38 -33.07
C ALA I 109 18.32 -9.01 -33.67
N THR I 110 17.44 -9.03 -34.68
CA THR I 110 16.90 -7.81 -35.30
C THR I 110 15.39 -7.86 -35.12
N ILE I 111 14.84 -6.87 -34.44
CA ILE I 111 13.42 -6.85 -34.10
C ILE I 111 12.80 -5.54 -34.53
N VAL I 112 11.65 -5.61 -35.22
CA VAL I 112 10.92 -4.40 -35.55
C VAL I 112 9.92 -4.17 -34.44
N GLY I 113 9.77 -2.91 -34.05
CA GLY I 113 8.79 -2.55 -33.03
C GLY I 113 8.28 -1.15 -33.21
N GLN I 114 7.19 -0.83 -32.51
CA GLN I 114 6.55 0.47 -32.62
C GLN I 114 6.73 1.26 -31.33
N VAL I 115 6.88 2.57 -31.47
CA VAL I 115 7.10 3.47 -30.36
C VAL I 115 5.78 4.04 -29.93
N HIS I 116 5.46 3.89 -28.64
CA HIS I 116 4.25 4.44 -28.01
C HIS I 116 4.70 5.52 -27.07
N GLN I 117 3.76 6.25 -26.45
CA GLN I 117 4.16 7.38 -25.63
C GLN I 117 5.06 6.93 -24.47
N VAL I 118 6.20 7.62 -24.34
CA VAL I 118 7.14 7.35 -23.24
C VAL I 118 6.86 8.30 -22.06
N GLN I 119 6.48 7.74 -20.90
CA GLN I 119 6.18 8.51 -19.69
C GLN I 119 6.78 7.84 -18.47
N ASP I 120 7.12 8.64 -17.46
CA ASP I 120 7.70 8.12 -16.21
C ASP I 120 8.90 7.23 -16.55
N SER I 121 9.65 7.69 -17.54
CA SER I 121 10.81 6.98 -18.07
CA SER I 121 10.80 6.98 -18.07
C SER I 121 11.39 7.82 -19.18
N THR I 122 12.62 7.52 -19.57
CA THR I 122 13.27 8.22 -20.66
C THR I 122 13.61 7.29 -21.81
N ILE I 123 13.42 5.99 -21.64
CA ILE I 123 13.74 5.06 -22.73
C ILE I 123 12.47 4.34 -23.10
N PRO I 124 12.21 4.22 -24.41
CA PRO I 124 10.94 3.61 -24.76
C PRO I 124 11.01 2.12 -24.68
N THR I 125 9.89 1.50 -24.39
CA THR I 125 9.76 0.06 -24.53
C THR I 125 8.95 -0.08 -25.81
N LEU I 126 9.54 -0.72 -26.79
CA LEU I 126 8.89 -0.88 -28.09
C LEU I 126 7.73 -1.88 -28.00
N GLN I 127 6.64 -1.59 -28.70
CA GLN I 127 5.41 -2.42 -28.68
C GLN I 127 5.10 -3.08 -30.01
N ASN I 128 4.19 -4.07 -29.96
CA ASN I 128 3.75 -4.83 -31.11
C ASN I 128 4.92 -5.28 -31.99
N PRO I 129 5.95 -5.87 -31.37
CA PRO I 129 7.12 -6.22 -32.14
C PRO I 129 7.04 -7.53 -32.92
N LYS I 130 8.00 -7.69 -33.81
CA LYS I 130 8.15 -8.84 -34.69
C LYS I 130 9.65 -9.09 -34.84
N VAL I 131 10.12 -10.33 -34.62
CA VAL I 131 11.53 -10.67 -34.84
C VAL I 131 11.68 -10.88 -36.34
N VAL I 132 12.64 -10.19 -36.95
CA VAL I 132 12.85 -10.30 -38.39
C VAL I 132 14.00 -11.26 -38.64
N LYS I 133 13.73 -12.19 -39.56
CA LYS I 133 14.60 -13.36 -39.89
C LYS I 133 14.93 -13.55 -41.39
N GLN J 15 1.67 35.47 -15.39
CA GLN J 15 3.01 35.20 -15.99
C GLN J 15 3.60 36.49 -16.59
N PRO J 16 4.85 36.87 -16.23
CA PRO J 16 5.40 38.10 -16.80
C PRO J 16 5.59 38.01 -18.32
N GLY J 17 5.47 39.17 -18.98
CA GLY J 17 5.60 39.25 -20.45
C GLY J 17 7.05 39.15 -20.89
N ASP J 18 7.25 38.87 -22.17
CA ASP J 18 8.60 38.70 -22.75
C ASP J 18 9.52 39.92 -22.56
N ASP J 19 8.94 41.13 -22.49
CA ASP J 19 9.72 42.34 -22.22
C ASP J 19 10.27 42.26 -20.81
N ALA J 20 9.36 42.07 -19.85
CA ALA J 20 9.72 41.98 -18.45
C ALA J 20 10.70 40.81 -18.18
N VAL J 21 10.56 39.72 -18.93
CA VAL J 21 11.44 38.54 -18.79
C VAL J 21 12.89 38.81 -19.22
N ALA J 22 13.08 39.68 -20.21
CA ALA J 22 14.43 39.99 -20.67
C ALA J 22 15.12 41.09 -19.83
N SER J 23 14.35 41.80 -19.00
CA SER J 23 14.92 42.84 -18.14
C SER J 23 15.12 42.33 -16.70
N MSE J 24 15.07 41.01 -16.52
CA MSE J 24 15.28 40.45 -15.20
C MSE J 24 16.74 40.08 -15.11
O MSE J 24 17.37 39.72 -16.13
CB MSE J 24 14.46 39.18 -15.00
CG MSE J 24 12.98 39.43 -14.87
SE MSE J 24 11.87 37.80 -14.82
CE MSE J 24 12.23 37.12 -13.04
N GLN J 25 17.27 40.17 -13.90
CA GLN J 25 18.62 39.75 -13.63
C GLN J 25 18.55 38.25 -13.64
N THR J 26 19.65 37.59 -13.98
CA THR J 26 19.73 36.13 -14.07
C THR J 26 20.43 35.56 -12.85
N TYR J 27 19.84 34.55 -12.20
CA TYR J 27 20.52 33.87 -11.09
C TYR J 27 21.23 32.65 -11.67
N SER J 28 22.33 32.27 -11.05
CA SER J 28 22.92 30.98 -11.33
C SER J 28 22.14 30.08 -10.34
N VAL J 29 22.28 28.77 -10.48
CA VAL J 29 21.59 27.86 -9.59
C VAL J 29 22.10 28.01 -8.16
N ALA J 30 23.42 28.03 -8.00
CA ALA J 30 24.01 28.21 -6.68
C ALA J 30 23.48 29.47 -6.02
N GLN J 31 23.37 30.55 -6.78
CA GLN J 31 22.95 31.82 -6.19
C GLN J 31 21.52 31.75 -5.71
N PHE J 32 20.64 31.13 -6.48
CA PHE J 32 19.23 31.01 -6.08
C PHE J 32 19.00 30.04 -4.93
N LEU J 33 19.71 28.91 -4.90
CA LEU J 33 19.49 27.95 -3.80
C LEU J 33 20.21 28.34 -2.49
N GLN J 34 21.09 29.33 -2.53
CA GLN J 34 21.86 29.68 -1.34
C GLN J 34 20.94 29.92 -0.11
N PRO J 35 19.95 30.82 -0.22
CA PRO J 35 19.08 31.00 0.94
C PRO J 35 18.37 29.71 1.37
N PHE J 36 18.01 28.83 0.43
CA PHE J 36 17.36 27.56 0.76
C PHE J 36 18.25 26.58 1.52
N THR J 37 19.54 26.70 1.33
CA THR J 37 20.52 25.88 2.02
C THR J 37 20.63 26.30 3.48
N LEU J 38 20.48 27.60 3.72
CA LEU J 38 20.52 28.21 5.06
C LEU J 38 19.23 27.95 5.85
N ASN J 39 18.09 28.20 5.22
CA ASN J 39 16.78 27.97 5.84
C ASN J 39 15.69 27.94 4.80
N PRO J 40 15.26 26.74 4.38
CA PRO J 40 14.26 26.68 3.36
C PRO J 40 12.91 27.19 3.79
N ALA J 41 12.58 27.09 5.05
CA ALA J 41 11.29 27.63 5.48
C ALA J 41 11.30 29.16 5.28
N LYS J 42 12.40 29.83 5.65
CA LYS J 42 12.49 31.28 5.50
C LYS J 42 12.58 31.66 4.03
N ALA J 43 13.48 31.02 3.29
CA ALA J 43 13.65 31.26 1.85
C ALA J 43 12.31 31.11 1.13
N SER J 44 11.59 30.03 1.40
CA SER J 44 10.29 29.78 0.78
C SER J 44 9.30 30.91 1.05
N SER J 45 9.28 31.39 2.27
CA SER J 45 8.38 32.47 2.64
C SER J 45 8.78 33.83 2.01
N ASP J 46 10.07 34.13 1.91
CA ASP J 46 10.55 35.36 1.28
C ASP J 46 10.32 35.37 -0.24
N TYR J 47 10.34 34.19 -0.84
CA TYR J 47 10.19 34.03 -2.27
C TYR J 47 8.79 33.64 -2.73
N LEU J 48 7.89 33.41 -1.79
CA LEU J 48 6.55 32.91 -2.13
C LEU J 48 5.85 33.78 -3.20
N GLY J 49 5.48 33.16 -4.31
CA GLY J 49 4.80 33.86 -5.38
C GLY J 49 5.69 34.69 -6.29
N LYS J 50 6.99 34.66 -6.09
CA LYS J 50 7.90 35.46 -6.91
C LYS J 50 8.47 34.70 -8.07
N TRP J 51 8.84 35.47 -9.09
CA TRP J 51 9.39 34.95 -10.32
C TRP J 51 10.90 35.12 -10.29
N VAL J 52 11.60 34.04 -10.62
CA VAL J 52 13.07 34.11 -10.75
C VAL J 52 13.51 33.55 -12.12
N LYS J 53 14.62 34.06 -12.64
CA LYS J 53 15.19 33.61 -13.91
C LYS J 53 16.51 32.93 -13.59
N VAL J 54 16.58 31.63 -13.84
CA VAL J 54 17.75 30.83 -13.51
C VAL J 54 18.37 30.18 -14.74
N ARG J 55 19.70 30.22 -14.76
CA ARG J 55 20.49 29.69 -15.84
C ARG J 55 21.30 28.54 -15.26
N GLY J 56 21.33 27.43 -16.01
CA GLY J 56 22.05 26.23 -15.57
C GLY J 56 22.12 25.16 -16.66
N VAL J 57 22.82 24.08 -16.37
CA VAL J 57 22.95 22.99 -17.32
C VAL J 57 21.81 22.02 -17.02
N ILE J 58 21.02 21.72 -18.05
CA ILE J 58 19.92 20.79 -17.93
C ILE J 58 20.51 19.40 -17.80
N VAL J 59 20.10 18.66 -16.76
CA VAL J 59 20.60 17.30 -16.58
C VAL J 59 19.53 16.23 -16.82
N ASP J 60 18.27 16.61 -16.86
CA ASP J 60 17.24 15.62 -17.12
C ASP J 60 15.96 16.32 -17.61
N ILE J 61 15.25 15.65 -18.51
CA ILE J 61 14.00 16.11 -19.07
C ILE J 61 13.15 14.84 -19.13
N ARG J 62 11.97 14.89 -18.53
CA ARG J 62 11.06 13.75 -18.40
C ARG J 62 9.62 14.14 -18.52
N ARG J 63 8.86 13.28 -19.17
CA ARG J 63 7.44 13.44 -19.25
C ARG J 63 6.89 12.52 -18.19
N LYS J 64 5.97 13.01 -17.36
CA LYS J 64 5.39 12.20 -16.31
C LYS J 64 3.86 12.11 -16.36
N SER J 65 3.35 11.00 -15.84
CA SER J 65 1.89 10.81 -15.73
C SER J 65 1.33 11.67 -14.64
N GLY J 66 0.20 12.28 -14.93
CA GLY J 66 -0.48 13.16 -14.00
C GLY J 66 -1.76 12.57 -13.52
N ILE J 67 -2.34 13.23 -12.52
CA ILE J 67 -3.62 12.82 -11.93
C ILE J 67 -4.73 13.45 -12.79
N ALA J 68 -5.91 12.86 -12.70
CA ALA J 68 -7.08 13.38 -13.44
C ALA J 68 -6.80 13.64 -14.94
N GLY J 69 -6.34 12.57 -15.62
CA GLY J 69 -6.14 12.53 -17.09
C GLY J 69 -4.98 13.34 -17.68
N SER J 70 -4.21 14.02 -16.84
CA SER J 70 -3.17 14.89 -17.29
C SER J 70 -1.79 14.25 -17.44
N TYR J 71 -0.85 15.03 -17.94
CA TYR J 71 0.56 14.68 -17.95
C TYR J 71 1.32 15.98 -17.77
N TYR J 72 2.57 15.86 -17.35
CA TYR J 72 3.41 17.02 -17.13
C TYR J 72 4.89 16.68 -17.41
N PHE J 73 5.78 17.66 -17.27
CA PHE J 73 7.20 17.38 -17.41
C PHE J 73 7.99 17.97 -16.28
N ILE J 74 9.09 17.31 -15.94
CA ILE J 74 10.04 17.78 -14.94
C ILE J 74 11.33 18.03 -15.68
N VAL J 75 11.88 19.22 -15.51
CA VAL J 75 13.17 19.58 -16.09
C VAL J 75 14.09 19.86 -14.92
N THR J 76 15.27 19.24 -14.93
CA THR J 76 16.25 19.33 -13.83
C THR J 76 17.52 20.00 -14.36
N MSE J 77 18.04 20.93 -13.55
CA MSE J 77 19.16 21.79 -13.90
C MSE J 77 20.17 21.82 -12.77
O MSE J 77 19.79 21.85 -11.61
CB MSE J 77 18.58 23.19 -14.10
CG MSE J 77 19.54 24.30 -14.34
SE MSE J 77 18.60 26.04 -14.27
CE MSE J 77 17.86 26.12 -16.20
N ARG J 78 21.46 21.79 -13.13
CA ARG J 78 22.50 21.86 -12.15
C ARG J 78 23.21 23.20 -12.34
N ASP J 79 23.99 23.59 -11.35
CA ASP J 79 24.71 24.85 -11.45
C ASP J 79 25.74 24.73 -12.56
N GLU J 80 25.80 25.75 -13.40
CA GLU J 80 26.69 25.79 -14.55
C GLU J 80 28.15 25.56 -14.17
N GLN J 81 28.52 26.02 -12.97
CA GLN J 81 29.89 25.88 -12.54
C GLN J 81 30.08 24.89 -11.38
N ASN J 82 29.09 24.05 -11.11
CA ASN J 82 29.19 23.10 -9.99
C ASN J 82 29.44 23.75 -8.61
N LYS J 83 29.03 25.02 -8.47
CA LYS J 83 29.21 25.72 -7.22
C LYS J 83 28.41 25.07 -6.09
N THR J 84 27.37 24.31 -6.43
CA THR J 84 26.59 23.50 -5.48
C THR J 84 26.32 22.14 -6.15
N ASP J 85 26.08 21.12 -5.34
CA ASP J 85 25.71 19.79 -5.86
C ASP J 85 24.17 19.64 -5.93
N LYS J 86 23.44 20.63 -5.46
CA LYS J 86 21.99 20.52 -5.47
C LYS J 86 21.38 20.90 -6.80
N ARG J 87 20.36 20.16 -7.22
CA ARG J 87 19.70 20.39 -8.49
C ARG J 87 18.41 21.20 -8.31
N LEU J 88 18.06 21.99 -9.31
CA LEU J 88 16.83 22.76 -9.28
C LEU J 88 15.92 22.13 -10.29
N THR J 89 14.64 21.97 -9.98
CA THR J 89 13.71 21.35 -10.89
C THR J 89 12.61 22.32 -11.26
N PHE J 90 11.99 22.08 -12.41
CA PHE J 90 10.93 22.89 -12.91
C PHE J 90 9.79 21.94 -13.36
N ASN J 91 8.57 22.33 -13.08
CA ASN J 91 7.43 21.54 -13.46
C ASN J 91 6.67 22.30 -14.55
N PHE J 92 6.65 21.75 -15.75
CA PHE J 92 5.95 22.34 -16.87
C PHE J 92 4.68 21.56 -17.11
N GLY J 93 3.57 22.28 -17.21
CA GLY J 93 2.29 21.68 -17.59
C GLY J 93 2.34 21.23 -19.05
N SER J 94 1.34 20.43 -19.43
CA SER J 94 1.21 19.90 -20.77
C SER J 94 1.03 20.99 -21.83
N HIS J 95 0.56 22.14 -21.41
CA HIS J 95 0.33 23.24 -22.33
C HIS J 95 1.64 23.85 -22.77
N ASN J 96 2.72 23.55 -22.07
CA ASN J 96 3.97 24.13 -22.44
C ASN J 96 4.95 23.09 -22.86
N SER J 97 4.48 22.13 -23.65
CA SER J 97 5.39 21.09 -24.13
C SER J 97 6.29 21.63 -25.22
N ALA J 98 5.86 22.63 -25.98
CA ALA J 98 6.77 23.20 -27.01
C ALA J 98 8.12 23.62 -26.38
N ASP J 99 8.07 24.29 -25.24
CA ASP J 99 9.30 24.70 -24.58
C ASP J 99 10.13 23.51 -24.13
N VAL J 100 9.47 22.45 -23.64
CA VAL J 100 10.21 21.31 -23.15
C VAL J 100 10.84 20.58 -24.34
N GLU J 101 10.09 20.50 -25.42
CA GLU J 101 10.58 19.82 -26.60
C GLU J 101 11.77 20.53 -27.27
N ALA J 102 12.05 21.76 -26.88
CA ALA J 102 13.14 22.51 -27.47
C ALA J 102 14.39 22.56 -26.59
N LEU J 103 14.32 22.00 -25.38
CA LEU J 103 15.50 21.85 -24.53
C LEU J 103 16.38 20.66 -24.94
N SER J 104 17.58 20.57 -24.36
CA SER J 104 18.53 19.50 -24.68
C SER J 104 19.32 19.11 -23.48
N ASN J 105 19.34 17.84 -23.10
CA ASN J 105 20.12 17.45 -21.93
C ASN J 105 21.57 17.78 -22.21
N GLY J 106 22.23 18.34 -21.18
CA GLY J 106 23.61 18.75 -21.25
C GLY J 106 23.79 20.21 -21.64
N SER J 107 22.75 20.87 -22.13
CA SER J 107 22.85 22.26 -22.55
C SER J 107 22.46 23.27 -21.47
N VAL J 108 23.12 24.41 -21.51
CA VAL J 108 22.79 25.54 -20.68
C VAL J 108 21.41 26.05 -21.13
N ALA J 109 20.52 26.31 -20.20
CA ALA J 109 19.24 26.93 -20.53
C ALA J 109 18.96 27.97 -19.45
N THR J 110 18.10 28.92 -19.76
CA THR J 110 17.71 29.94 -18.81
C THR J 110 16.21 29.84 -18.76
N ILE J 111 15.68 29.54 -17.58
CA ILE J 111 14.27 29.33 -17.40
C ILE J 111 13.73 30.23 -16.33
N VAL J 112 12.61 30.87 -16.60
CA VAL J 112 11.92 31.71 -15.64
C VAL J 112 10.85 30.87 -14.98
N GLY J 113 10.74 30.96 -13.67
CA GLY J 113 9.71 30.21 -12.95
C GLY J 113 9.23 30.92 -11.69
N GLN J 114 8.13 30.45 -11.15
CA GLN J 114 7.52 31.03 -9.96
C GLN J 114 7.68 30.09 -8.79
N VAL J 115 8.05 30.66 -7.65
CA VAL J 115 8.21 29.85 -6.43
C VAL J 115 6.87 29.71 -5.72
N HIS J 116 6.43 28.48 -5.53
CA HIS J 116 5.23 28.19 -4.77
C HIS J 116 5.76 27.64 -3.45
N GLN J 117 4.86 27.21 -2.57
CA GLN J 117 5.23 26.78 -1.23
C GLN J 117 6.09 25.51 -1.26
N VAL J 118 7.27 25.59 -0.65
CA VAL J 118 8.16 24.46 -0.59
C VAL J 118 7.84 23.63 0.68
N GLN J 119 7.32 22.42 0.49
CA GLN J 119 7.03 21.51 1.63
C GLN J 119 7.55 20.15 1.28
N ASP J 120 7.94 19.36 2.28
CA ASP J 120 8.44 17.98 2.05
C ASP J 120 9.70 17.93 1.17
N SER J 121 10.43 19.04 1.17
CA SER J 121 11.68 19.19 0.43
CA SER J 121 11.68 19.18 0.43
C SER J 121 12.35 20.44 0.94
N THR J 122 13.61 20.62 0.61
CA THR J 122 14.32 21.80 1.02
C THR J 122 14.65 22.64 -0.19
N ILE J 123 14.33 22.17 -1.38
CA ILE J 123 14.64 22.88 -2.63
C ILE J 123 13.35 23.04 -3.39
N PRO J 124 13.11 24.19 -3.97
CA PRO J 124 11.85 24.33 -4.66
C PRO J 124 11.83 23.75 -6.05
N THR J 125 10.65 23.35 -6.48
CA THR J 125 10.40 22.96 -7.86
C THR J 125 9.66 24.19 -8.38
N LEU J 126 10.26 24.92 -9.31
CA LEU J 126 9.61 26.12 -9.82
C LEU J 126 8.39 25.76 -10.68
N GLN J 127 7.36 26.61 -10.65
CA GLN J 127 6.12 26.37 -11.38
C GLN J 127 5.93 27.36 -12.50
N ASN J 128 4.95 27.07 -13.36
CA ASN J 128 4.58 27.88 -14.51
C ASN J 128 5.77 28.43 -15.23
N PRO J 129 6.69 27.57 -15.64
CA PRO J 129 7.91 28.16 -16.17
C PRO J 129 7.87 28.49 -17.66
N LYS J 130 8.81 29.34 -18.09
CA LYS J 130 8.94 29.72 -19.48
C LYS J 130 10.44 29.68 -19.82
N VAL J 131 10.77 29.01 -20.92
CA VAL J 131 12.15 28.93 -21.34
C VAL J 131 12.47 30.26 -22.04
N VAL J 132 13.57 30.89 -21.62
CA VAL J 132 13.98 32.16 -22.18
C VAL J 132 14.90 31.92 -23.36
N LYS J 133 14.40 32.27 -24.55
CA LYS J 133 15.12 32.03 -25.82
C LYS J 133 16.20 33.09 -26.11
C1 PEG K . 14.24 14.27 36.05
O1 PEG K . 13.53 15.50 36.25
C2 PEG K . 14.97 14.19 34.70
O2 PEG K . 15.07 12.84 34.24
C3 PEG K . 15.92 11.98 34.99
C4 PEG K . 15.15 11.20 36.07
O4 PEG K . 15.82 9.98 36.43
C1 PEG L . 19.04 39.08 -7.88
O1 PEG L . 18.09 40.08 -8.24
C2 PEG L . 19.39 38.22 -9.09
O2 PEG L . 20.81 38.24 -9.34
C3 PEG L . 21.57 37.33 -8.52
C4 PEG L . 22.79 38.01 -7.88
O4 PEG L . 23.54 38.77 -8.85
#